data_8DML
#
_entry.id   8DML
#
_cell.length_a   142.603
_cell.length_b   41.763
_cell.length_c   168.956
_cell.angle_alpha   90.000
_cell.angle_beta   91.570
_cell.angle_gamma   90.000
#
_symmetry.space_group_name_H-M   'C 1 2 1'
#
loop_
_entity.id
_entity.type
_entity.pdbx_description
1 polymer VtrA
2 polymer VtrC
3 non-polymer 1,2-ETHANEDIOL
4 non-polymer 'CHENODEOXYCHOLIC ACID'
5 non-polymer 'TETRAETHYLENE GLYCOL'
6 non-polymer 'CALCIUM ION'
7 water water
#
loop_
_entity_poly.entity_id
_entity_poly.type
_entity_poly.pdbx_seq_one_letter_code
_entity_poly.pdbx_strand_id
1 'polypeptide(L)'
;MTAKDDYPSLSFQQDYVYIFSSDFQLSEELGVALINALSAKEIVPERLYVMLNDKTISFSFISKNKKSKNRVLSTEKKLN
YKHISEYIVNEIEY
;
A,C,E,G
2 'polypeptide(L)'
;MGSSHHHHHHSQDPVHFYETSYKYQAADSTYMHDVAINVSIKGNHFTSDIIIRELVKSENKNYYNVIGHGDIIQKNTHQY
YLNFDNIDVYTGTNKANMKPYKEPTSISSLINKSNNIRVVYLSEEYVVVEFFFYDGQIITLHRY
;
B,D,F,H
#
loop_
_chem_comp.id
_chem_comp.type
_chem_comp.name
_chem_comp.formula
CA non-polymer 'CALCIUM ION' 'Ca 2'
EDO non-polymer 1,2-ETHANEDIOL 'C2 H6 O2'
JN3 non-polymer 'CHENODEOXYCHOLIC ACID' 'C24 H40 O4'
PG4 non-polymer 'TETRAETHYLENE GLYCOL' 'C8 H18 O5'
#
# COMPACT_ATOMS: atom_id res chain seq x y z
N ASP A 6 18.87 -15.42 0.40
CA ASP A 6 17.91 -14.47 -0.11
C ASP A 6 18.25 -14.13 -1.57
N TYR A 7 17.34 -13.47 -2.25
CA TYR A 7 17.63 -12.97 -3.59
C TYR A 7 18.55 -11.75 -3.47
N PRO A 8 19.33 -11.45 -4.50
CA PRO A 8 20.13 -10.22 -4.47
C PRO A 8 19.23 -8.99 -4.40
N SER A 9 19.75 -7.94 -3.77
CA SER A 9 18.99 -6.70 -3.67
C SER A 9 19.42 -5.74 -4.76
N LEU A 10 18.70 -4.62 -4.84
CA LEU A 10 18.97 -3.56 -5.79
C LEU A 10 20.37 -2.99 -5.62
N SER A 11 21.25 -3.22 -6.60
CA SER A 11 22.66 -2.86 -6.48
C SER A 11 23.11 -1.78 -7.45
N PHE A 12 22.35 -1.53 -8.50
CA PHE A 12 22.56 -0.36 -9.34
C PHE A 12 21.20 0.10 -9.84
N GLN A 13 20.97 1.41 -9.82
CA GLN A 13 19.75 2.02 -10.34
C GLN A 13 20.11 3.35 -10.96
N GLN A 14 19.75 3.52 -12.22
CA GLN A 14 19.89 4.81 -12.92
C GLN A 14 18.85 4.88 -14.01
N ASP A 15 18.14 6.01 -14.06
CA ASP A 15 17.10 6.24 -15.09
C ASP A 15 16.10 5.09 -15.04
N TYR A 16 15.98 4.34 -16.13
CA TYR A 16 15.03 3.23 -16.24
C TYR A 16 15.60 1.86 -15.83
N VAL A 17 16.86 1.79 -15.41
CA VAL A 17 17.56 0.53 -15.21
C VAL A 17 17.59 0.18 -13.73
N TYR A 18 17.33 -1.09 -13.43
CA TYR A 18 17.28 -1.60 -12.06
C TYR A 18 17.99 -2.93 -12.08
N ILE A 19 19.17 -2.98 -11.44
CA ILE A 19 19.99 -4.18 -11.50
C ILE A 19 20.02 -4.79 -10.12
N PHE A 20 19.82 -6.10 -10.04
CA PHE A 20 19.76 -6.87 -8.81
C PHE A 20 20.86 -7.91 -8.87
N SER A 21 21.88 -7.69 -8.05
CA SER A 21 23.08 -8.52 -8.02
C SER A 21 23.83 -8.25 -6.71
N SER A 22 24.62 -9.23 -6.30
CA SER A 22 25.43 -9.10 -5.10
C SER A 22 26.79 -8.51 -5.45
N ASP A 23 27.06 -8.31 -6.73
CA ASP A 23 28.34 -7.74 -7.20
C ASP A 23 28.10 -6.28 -7.56
N PHE A 24 28.48 -5.38 -6.68
CA PHE A 24 28.20 -3.97 -6.90
C PHE A 24 28.98 -3.44 -8.10
N GLN A 25 30.23 -3.87 -8.27
CA GLN A 25 31.04 -3.41 -9.38
C GLN A 25 30.47 -3.91 -10.68
N LEU A 26 30.17 -5.21 -10.77
CA LEU A 26 29.57 -5.74 -11.97
C LEU A 26 28.25 -5.02 -12.28
N SER A 27 27.46 -4.69 -11.25
CA SER A 27 26.16 -4.06 -11.45
C SER A 27 26.31 -2.70 -12.13
N GLU A 28 27.28 -1.90 -11.69
CA GLU A 28 27.46 -0.60 -12.30
C GLU A 28 28.01 -0.74 -13.72
N GLU A 29 29.03 -1.58 -13.92
CA GLU A 29 29.54 -1.82 -15.26
C GLU A 29 28.42 -2.23 -16.23
N LEU A 30 27.57 -3.17 -15.80
CA LEU A 30 26.46 -3.61 -16.66
C LEU A 30 25.42 -2.51 -16.86
N GLY A 31 25.07 -1.79 -15.79
CA GLY A 31 24.11 -0.70 -15.92
C GLY A 31 24.54 0.35 -16.91
N VAL A 32 25.79 0.84 -16.80
CA VAL A 32 26.28 1.84 -17.75
C VAL A 32 26.33 1.26 -19.17
N ALA A 33 26.78 0.02 -19.31
CA ALA A 33 26.83 -0.59 -20.64
C ALA A 33 25.43 -0.75 -21.24
N LEU A 34 24.43 -1.07 -20.39
CA LEU A 34 23.06 -1.18 -20.88
C LEU A 34 22.51 0.16 -21.34
N ILE A 35 22.70 1.22 -20.54
CA ILE A 35 22.24 2.55 -20.90
C ILE A 35 22.86 3.00 -22.20
N ASN A 36 24.17 2.76 -22.39
CA ASN A 36 24.83 3.22 -23.60
C ASN A 36 24.36 2.43 -24.79
N ALA A 37 24.17 1.11 -24.60
CA ALA A 37 23.77 0.25 -25.73
C ALA A 37 22.33 0.53 -26.16
N LEU A 38 21.43 0.76 -25.21
CA LEU A 38 20.05 1.06 -25.55
C LEU A 38 19.93 2.44 -26.19
N SER A 39 20.70 3.42 -25.70
CA SER A 39 20.65 4.72 -26.39
C SER A 39 21.17 4.58 -27.83
N ALA A 40 22.16 3.71 -28.03
CA ALA A 40 22.67 3.52 -29.38
C ALA A 40 21.60 2.92 -30.29
N LYS A 41 20.66 2.16 -29.72
CA LYS A 41 19.56 1.57 -30.48
C LYS A 41 18.29 2.44 -30.47
N GLU A 42 18.32 3.60 -29.80
CA GLU A 42 17.15 4.45 -29.65
C GLU A 42 16.01 3.69 -29.01
N ILE A 43 16.33 2.84 -28.04
CA ILE A 43 15.36 2.06 -27.28
C ILE A 43 15.27 2.62 -25.87
N VAL A 44 14.08 3.03 -25.47
CA VAL A 44 13.88 3.54 -24.11
C VAL A 44 12.81 2.67 -23.45
N PRO A 45 13.18 1.81 -22.49
CA PRO A 45 12.15 1.12 -21.73
C PRO A 45 11.42 2.06 -20.78
N GLU A 46 10.17 1.71 -20.45
CA GLU A 46 9.56 2.27 -19.26
C GLU A 46 10.39 1.91 -18.03
N ARG A 47 10.67 0.61 -17.84
CA ARG A 47 11.61 0.10 -16.83
C ARG A 47 12.28 -1.16 -17.37
N LEU A 48 13.51 -1.41 -16.92
CA LEU A 48 14.26 -2.59 -17.32
C LEU A 48 14.92 -3.18 -16.06
N TYR A 49 14.41 -4.32 -15.62
CA TYR A 49 14.88 -5.02 -14.43
C TYR A 49 15.80 -6.16 -14.84
N VAL A 50 16.95 -6.25 -14.18
CA VAL A 50 17.93 -7.27 -14.50
C VAL A 50 18.32 -7.92 -13.19
N MET A 51 18.39 -9.24 -13.19
CA MET A 51 18.84 -10.04 -12.05
C MET A 51 19.99 -10.96 -12.45
N LEU A 52 21.10 -10.85 -11.75
CA LEU A 52 22.27 -11.68 -11.97
C LEU A 52 22.38 -12.66 -10.80
N ASN A 53 22.38 -13.94 -11.12
CA ASN A 53 22.55 -15.02 -10.16
C ASN A 53 23.77 -15.87 -10.53
N ASP A 54 23.99 -16.92 -9.74
CA ASP A 54 25.18 -17.75 -9.92
C ASP A 54 25.20 -18.42 -11.29
N LYS A 55 24.11 -19.09 -11.67
CA LYS A 55 24.08 -19.84 -12.91
C LYS A 55 23.00 -19.37 -13.88
N THR A 56 22.46 -18.15 -13.69
CA THR A 56 21.35 -17.68 -14.52
C THR A 56 21.36 -16.15 -14.53
N ILE A 57 20.97 -15.58 -15.65
CA ILE A 57 20.64 -14.18 -15.80
C ILE A 57 19.16 -14.11 -16.16
N SER A 58 18.46 -13.09 -15.68
CA SER A 58 17.10 -12.84 -16.14
C SER A 58 16.81 -11.32 -16.22
N PHE A 59 15.82 -10.96 -17.04
CA PHE A 59 15.50 -9.55 -17.17
C PHE A 59 14.01 -9.40 -17.54
N SER A 60 13.50 -8.24 -17.16
CA SER A 60 12.14 -7.88 -17.55
C SER A 60 12.15 -6.51 -18.19
N PHE A 61 11.80 -6.44 -19.47
CA PHE A 61 11.75 -5.19 -20.23
C PHE A 61 10.28 -4.77 -20.25
N ILE A 62 9.98 -3.66 -19.60
CA ILE A 62 8.62 -3.16 -19.44
C ILE A 62 8.42 -1.98 -20.37
N SER A 63 7.32 -2.01 -21.11
CA SER A 63 6.98 -0.95 -22.06
C SER A 63 5.52 -0.60 -21.90
N LYS A 64 5.19 0.69 -21.99
CA LYS A 64 3.85 1.14 -21.66
C LYS A 64 2.80 0.52 -22.58
N ASN A 65 1.77 -0.05 -21.96
CA ASN A 65 0.62 -0.64 -22.65
C ASN A 65 1.03 -1.84 -23.49
N LYS A 66 2.10 -2.54 -23.13
CA LYS A 66 2.50 -3.75 -23.82
C LYS A 66 2.78 -4.80 -22.77
N LYS A 67 2.67 -6.07 -23.18
CA LYS A 67 3.18 -7.13 -22.31
C LYS A 67 4.67 -6.96 -22.13
N SER A 68 5.16 -7.22 -20.92
CA SER A 68 6.59 -7.21 -20.66
C SER A 68 7.28 -8.31 -21.46
N LYS A 69 8.54 -8.04 -21.83
CA LYS A 69 9.43 -9.02 -22.45
C LYS A 69 10.34 -9.57 -21.36
N ASN A 70 10.12 -10.83 -21.00
CA ASN A 70 10.83 -11.51 -19.92
C ASN A 70 11.69 -12.65 -20.46
N ARG A 71 12.91 -12.72 -19.98
CA ARG A 71 13.86 -13.67 -20.50
C ARG A 71 14.68 -14.24 -19.35
N VAL A 72 15.15 -15.45 -19.58
CA VAL A 72 16.04 -16.15 -18.66
C VAL A 72 17.14 -16.80 -19.53
N LEU A 73 18.39 -16.65 -19.10
CA LEU A 73 19.53 -17.28 -19.77
C LEU A 73 20.33 -18.09 -18.75
N SER A 74 20.44 -19.38 -18.98
CA SER A 74 21.25 -20.24 -18.13
C SER A 74 22.70 -20.15 -18.59
N THR A 75 23.61 -20.01 -17.65
CA THR A 75 25.02 -19.92 -18.00
C THR A 75 25.82 -20.80 -17.06
N GLU A 76 26.49 -21.80 -17.62
CA GLU A 76 27.47 -22.55 -16.84
C GLU A 76 28.77 -21.79 -16.72
N LYS A 77 29.21 -21.17 -17.82
CA LYS A 77 30.34 -20.25 -17.77
C LYS A 77 29.85 -18.88 -17.32
N LYS A 78 30.65 -18.18 -16.53
CA LYS A 78 30.27 -16.85 -16.08
C LYS A 78 30.46 -15.85 -17.22
N LEU A 79 29.48 -15.01 -17.43
CA LEU A 79 29.51 -14.06 -18.54
C LEU A 79 29.95 -12.68 -18.04
N ASN A 80 30.76 -12.00 -18.85
CA ASN A 80 31.18 -10.66 -18.48
C ASN A 80 30.09 -9.64 -18.82
N TYR A 81 30.22 -8.44 -18.26
CA TYR A 81 29.19 -7.43 -18.41
C TYR A 81 28.90 -7.11 -19.88
N LYS A 82 29.90 -7.22 -20.76
CA LYS A 82 29.64 -6.91 -22.16
C LYS A 82 28.72 -7.95 -22.78
N HIS A 83 29.00 -9.23 -22.54
CA HIS A 83 28.16 -10.25 -23.14
C HIS A 83 26.76 -10.22 -22.56
N ILE A 84 26.61 -9.88 -21.27
CA ILE A 84 25.29 -9.79 -20.65
C ILE A 84 24.53 -8.65 -21.29
N SER A 85 25.17 -7.48 -21.42
CA SER A 85 24.54 -6.32 -22.05
C SER A 85 24.11 -6.61 -23.49
N GLU A 86 24.98 -7.30 -24.23
CA GLU A 86 24.67 -7.63 -25.61
C GLU A 86 23.51 -8.63 -25.68
N TYR A 87 23.44 -9.55 -24.72
CA TYR A 87 22.33 -10.49 -24.72
C TYR A 87 21.02 -9.74 -24.51
N ILE A 88 20.98 -8.87 -23.50
CA ILE A 88 19.73 -8.19 -23.19
C ILE A 88 19.32 -7.34 -24.38
N VAL A 89 20.27 -6.65 -24.98
CA VAL A 89 19.95 -5.72 -26.04
C VAL A 89 19.45 -6.47 -27.25
N ASN A 90 19.98 -7.68 -27.52
CA ASN A 90 19.51 -8.46 -28.68
C ASN A 90 18.13 -9.04 -28.40
N GLU A 91 17.90 -9.54 -27.18
CA GLU A 91 16.58 -10.09 -26.86
C GLU A 91 15.49 -9.02 -26.94
N ILE A 92 15.77 -7.81 -26.45
CA ILE A 92 14.74 -6.75 -26.47
C ILE A 92 14.38 -6.36 -27.90
N GLU A 93 15.39 -6.33 -28.77
CA GLU A 93 15.22 -5.96 -30.16
C GLU A 93 14.38 -7.00 -30.89
N TYR A 94 14.82 -8.25 -30.84
CA TYR A 94 14.19 -9.38 -31.53
C TYR A 94 12.77 -9.62 -31.00
N GLN B 12 -14.69 -12.11 2.12
CA GLN B 12 -14.75 -10.85 1.37
C GLN B 12 -13.73 -10.81 0.20
N ASP B 13 -12.78 -11.70 0.25
CA ASP B 13 -11.61 -11.61 -0.61
C ASP B 13 -11.93 -11.77 -2.09
N PRO B 14 -11.78 -10.74 -2.91
CA PRO B 14 -12.00 -10.91 -4.35
C PRO B 14 -10.86 -11.66 -5.00
N VAL B 15 -11.15 -12.26 -6.14
CA VAL B 15 -10.15 -13.00 -6.89
C VAL B 15 -9.36 -12.02 -7.76
N HIS B 16 -8.04 -12.08 -7.66
CA HIS B 16 -7.14 -11.29 -8.48
C HIS B 16 -6.42 -12.23 -9.43
N PHE B 17 -6.19 -11.74 -10.65
CA PHE B 17 -5.64 -12.54 -11.72
C PHE B 17 -4.29 -11.94 -12.12
N TYR B 18 -3.30 -12.80 -12.34
CA TYR B 18 -2.00 -12.40 -12.84
C TYR B 18 -1.58 -13.32 -13.99
N GLU B 19 -0.88 -12.75 -14.97
CA GLU B 19 -0.41 -13.49 -16.13
C GLU B 19 0.85 -12.85 -16.70
N THR B 20 1.71 -13.71 -17.24
CA THR B 20 2.90 -13.28 -17.97
C THR B 20 3.46 -14.46 -18.75
N SER B 21 4.54 -14.20 -19.50
CA SER B 21 5.27 -15.28 -20.12
C SER B 21 6.75 -14.89 -20.13
N TYR B 22 7.60 -15.91 -20.32
CA TYR B 22 9.02 -15.64 -20.51
C TYR B 22 9.57 -16.69 -21.45
N LYS B 23 10.79 -16.42 -21.93
CA LYS B 23 11.54 -17.40 -22.72
C LYS B 23 12.84 -17.71 -22.00
N TYR B 24 13.19 -18.99 -22.02
CA TYR B 24 14.37 -19.55 -21.38
C TYR B 24 15.29 -20.16 -22.42
N GLN B 25 16.59 -19.83 -22.33
CA GLN B 25 17.63 -20.36 -23.19
C GLN B 25 18.53 -21.24 -22.35
N ALA B 26 18.65 -22.51 -22.72
CA ALA B 26 19.41 -23.46 -21.95
C ALA B 26 20.89 -23.16 -22.04
N ALA B 27 21.64 -23.68 -21.06
CA ALA B 27 23.07 -23.39 -20.93
C ALA B 27 23.83 -23.84 -22.17
N ASP B 28 23.52 -25.02 -22.68
CA ASP B 28 24.14 -25.49 -23.91
C ASP B 28 23.43 -25.00 -25.16
N SER B 29 22.39 -24.19 -24.99
CA SER B 29 21.63 -23.58 -26.07
C SER B 29 21.12 -24.62 -27.05
N THR B 30 20.90 -25.83 -26.57
CA THR B 30 20.32 -26.88 -27.41
C THR B 30 18.78 -26.82 -27.41
N TYR B 31 18.18 -26.09 -26.48
CA TYR B 31 16.73 -25.97 -26.45
C TYR B 31 16.36 -24.62 -25.83
N MET B 32 15.14 -24.20 -26.12
CA MET B 32 14.54 -23.05 -25.50
C MET B 32 13.17 -23.44 -24.99
N HIS B 33 12.73 -22.77 -23.92
CA HIS B 33 11.41 -22.92 -23.38
C HIS B 33 10.65 -21.59 -23.50
N ASP B 34 9.40 -21.68 -23.93
CA ASP B 34 8.45 -20.57 -23.93
C ASP B 34 7.42 -20.90 -22.85
N VAL B 35 7.39 -20.08 -21.80
CA VAL B 35 6.71 -20.44 -20.56
C VAL B 35 5.64 -19.41 -20.30
N ALA B 36 4.38 -19.84 -20.24
CA ALA B 36 3.26 -18.97 -19.84
C ALA B 36 2.92 -19.24 -18.38
N ILE B 37 2.74 -18.15 -17.61
CA ILE B 37 2.39 -18.25 -16.20
C ILE B 37 1.03 -17.59 -15.98
N ASN B 38 0.11 -18.33 -15.37
CA ASN B 38 -1.16 -17.78 -14.91
C ASN B 38 -1.32 -18.13 -13.44
N VAL B 39 -1.68 -17.13 -12.63
CA VAL B 39 -1.88 -17.29 -11.19
C VAL B 39 -3.10 -16.50 -10.78
N SER B 40 -3.94 -17.07 -9.90
CA SER B 40 -5.11 -16.40 -9.34
C SER B 40 -5.06 -16.53 -7.84
N ILE B 41 -5.34 -15.44 -7.17
CA ILE B 41 -5.23 -15.35 -5.73
C ILE B 41 -6.56 -14.91 -5.15
N LYS B 42 -6.99 -15.58 -4.09
CA LYS B 42 -8.18 -15.20 -3.33
C LYS B 42 -7.83 -15.35 -1.85
N GLY B 43 -7.84 -14.22 -1.13
CA GLY B 43 -7.38 -14.26 0.26
C GLY B 43 -5.93 -14.73 0.32
N ASN B 44 -5.68 -15.76 1.08
CA ASN B 44 -4.35 -16.35 1.14
C ASN B 44 -4.32 -17.69 0.40
N HIS B 45 -5.19 -17.87 -0.58
CA HIS B 45 -5.21 -19.06 -1.41
C HIS B 45 -4.80 -18.72 -2.85
N PHE B 46 -4.10 -19.63 -3.51
CA PHE B 46 -3.77 -19.45 -4.92
C PHE B 46 -3.90 -20.76 -5.72
N THR B 47 -4.19 -20.61 -7.00
CA THR B 47 -4.10 -21.71 -7.97
C THR B 47 -3.34 -21.18 -9.17
N SER B 48 -2.54 -22.04 -9.78
CA SER B 48 -1.69 -21.61 -10.87
C SER B 48 -1.59 -22.65 -11.96
N ASP B 49 -1.53 -22.19 -13.21
CA ASP B 49 -1.30 -23.03 -14.37
C ASP B 49 -0.05 -22.48 -15.06
N ILE B 50 0.90 -23.35 -15.36
CA ILE B 50 2.10 -22.99 -16.11
C ILE B 50 2.20 -23.93 -17.31
N ILE B 51 2.34 -23.35 -18.50
CA ILE B 51 2.49 -24.10 -19.75
C ILE B 51 3.90 -23.88 -20.28
N ILE B 52 4.59 -24.96 -20.62
CA ILE B 52 5.95 -24.91 -21.16
C ILE B 52 5.96 -25.54 -22.54
N ARG B 53 6.41 -24.78 -23.52
CA ARG B 53 6.59 -25.25 -24.89
C ARG B 53 8.08 -25.38 -25.13
N GLU B 54 8.52 -26.58 -25.43
CA GLU B 54 9.93 -26.89 -25.59
C GLU B 54 10.27 -26.87 -27.07
N LEU B 55 11.13 -25.92 -27.46
CA LEU B 55 11.70 -25.84 -28.80
C LEU B 55 13.12 -26.37 -28.75
N VAL B 56 13.34 -27.52 -29.42
CA VAL B 56 14.62 -28.22 -29.37
C VAL B 56 15.22 -28.40 -30.74
N LYS B 57 14.64 -27.75 -31.76
CA LYS B 57 15.12 -27.86 -33.14
C LYS B 57 14.53 -26.69 -33.92
N SER B 58 14.25 -25.58 -33.24
CA SER B 58 13.36 -24.56 -33.78
C SER B 58 12.07 -25.21 -34.26
N GLU B 59 11.44 -25.97 -33.36
CA GLU B 59 10.35 -26.88 -33.69
C GLU B 59 9.73 -27.39 -32.38
N ASN B 60 8.42 -27.20 -32.22
CA ASN B 60 7.74 -27.58 -30.98
C ASN B 60 7.68 -29.09 -30.87
N LYS B 61 8.51 -29.67 -30.00
CA LYS B 61 8.58 -31.12 -29.87
C LYS B 61 8.24 -31.63 -28.47
N ASN B 62 7.83 -30.74 -27.57
CA ASN B 62 7.29 -31.21 -26.29
C ASN B 62 6.52 -30.07 -25.62
N TYR B 63 5.47 -30.46 -24.89
CA TYR B 63 4.66 -29.54 -24.11
C TYR B 63 4.58 -30.06 -22.69
N TYR B 64 4.60 -29.15 -21.72
CA TYR B 64 4.40 -29.50 -20.32
C TYR B 64 3.35 -28.58 -19.70
N ASN B 65 2.46 -29.16 -18.92
CA ASN B 65 1.43 -28.43 -18.19
C ASN B 65 1.61 -28.73 -16.71
N VAL B 66 1.81 -27.68 -15.92
CA VAL B 66 2.07 -27.81 -14.50
C VAL B 66 0.97 -27.06 -13.80
N ILE B 67 0.22 -27.75 -12.93
CA ILE B 67 -0.89 -27.20 -12.16
C ILE B 67 -0.48 -27.23 -10.70
N GLY B 68 -0.71 -26.13 -10.00
CA GLY B 68 -0.31 -26.01 -8.61
C GLY B 68 -1.34 -25.21 -7.85
N HIS B 69 -1.51 -25.55 -6.57
CA HIS B 69 -2.36 -24.75 -5.71
C HIS B 69 -1.83 -24.83 -4.29
N GLY B 70 -2.25 -23.88 -3.46
CA GLY B 70 -1.89 -23.88 -2.05
C GLY B 70 -2.17 -22.52 -1.44
N ASP B 71 -1.35 -22.15 -0.45
CA ASP B 71 -1.49 -20.91 0.29
C ASP B 71 -0.38 -19.96 -0.13
N ILE B 72 -0.70 -18.67 -0.12
CA ILE B 72 0.27 -17.59 -0.30
C ILE B 72 0.25 -16.78 0.98
N ILE B 73 1.35 -16.81 1.72
CA ILE B 73 1.46 -16.14 3.01
C ILE B 73 2.15 -14.79 2.82
N GLN B 74 1.62 -13.76 3.47
CA GLN B 74 2.15 -12.40 3.38
C GLN B 74 2.94 -12.09 4.63
N LYS B 75 4.26 -11.92 4.48
CA LYS B 75 5.11 -11.43 5.57
C LYS B 75 5.01 -9.91 5.68
N ASN B 76 5.33 -9.20 4.60
CA ASN B 76 5.04 -7.78 4.47
C ASN B 76 4.38 -7.56 3.12
N THR B 77 4.10 -6.30 2.78
CA THR B 77 3.49 -5.98 1.49
C THR B 77 4.42 -6.26 0.32
N HIS B 78 5.70 -6.57 0.58
CA HIS B 78 6.66 -6.89 -0.47
C HIS B 78 7.25 -8.29 -0.35
N GLN B 79 6.90 -9.04 0.68
CA GLN B 79 7.47 -10.36 0.92
C GLN B 79 6.34 -11.38 1.07
N TYR B 80 6.31 -12.37 0.19
CA TYR B 80 5.34 -13.45 0.23
C TYR B 80 6.04 -14.80 0.13
N TYR B 81 5.31 -15.86 0.48
CA TYR B 81 5.79 -17.21 0.32
C TYR B 81 4.66 -18.09 -0.16
N LEU B 82 4.96 -19.03 -1.05
CA LEU B 82 3.97 -19.96 -1.57
C LEU B 82 4.17 -21.33 -0.94
N ASN B 83 3.16 -21.81 -0.25
CA ASN B 83 3.09 -23.15 0.31
C ASN B 83 2.14 -23.97 -0.58
N PHE B 84 2.72 -24.74 -1.50
CA PHE B 84 1.93 -25.62 -2.35
C PHE B 84 1.31 -26.76 -1.53
N ASP B 85 0.07 -27.07 -1.81
CA ASP B 85 -0.53 -28.30 -1.30
C ASP B 85 -0.29 -29.46 -2.25
N ASN B 86 -0.16 -29.15 -3.54
CA ASN B 86 0.04 -30.19 -4.54
C ASN B 86 0.49 -29.53 -5.82
N ILE B 87 1.30 -30.24 -6.60
CA ILE B 87 1.69 -29.85 -7.94
C ILE B 87 1.52 -31.06 -8.84
N ASP B 88 0.78 -30.90 -9.94
CA ASP B 88 0.61 -31.95 -10.93
C ASP B 88 1.24 -31.53 -12.27
N VAL B 89 1.88 -32.48 -12.94
CA VAL B 89 2.49 -32.24 -14.24
C VAL B 89 1.88 -33.15 -15.31
N TYR B 90 1.61 -32.56 -16.47
CA TYR B 90 1.14 -33.31 -17.63
C TYR B 90 2.10 -33.03 -18.78
N THR B 91 2.19 -33.97 -19.71
CA THR B 91 3.07 -33.83 -20.84
C THR B 91 2.44 -34.42 -22.08
N GLY B 92 2.98 -34.00 -23.23
CA GLY B 92 2.55 -34.52 -24.51
C GLY B 92 3.13 -33.71 -25.65
N THR B 93 3.25 -34.33 -26.82
CA THR B 93 3.75 -33.66 -28.00
C THR B 93 2.68 -32.86 -28.72
N ASN B 94 1.44 -32.90 -28.23
CA ASN B 94 0.33 -32.11 -28.75
C ASN B 94 -0.48 -31.59 -27.58
N LYS B 95 -0.84 -30.31 -27.61
CA LYS B 95 -1.55 -29.71 -26.47
C LYS B 95 -2.91 -30.36 -26.28
N ALA B 96 -3.51 -30.89 -27.34
CA ALA B 96 -4.85 -31.44 -27.27
C ALA B 96 -4.94 -32.80 -26.60
N ASN B 97 -3.83 -33.52 -26.52
CA ASN B 97 -3.79 -34.84 -25.90
C ASN B 97 -2.59 -34.89 -24.93
N MET B 98 -2.80 -34.36 -23.74
CA MET B 98 -1.78 -34.36 -22.69
C MET B 98 -2.04 -35.50 -21.71
N LYS B 99 -0.97 -36.07 -21.19
CA LYS B 99 -1.07 -37.22 -20.31
C LYS B 99 -0.37 -36.93 -18.98
N PRO B 100 -0.82 -37.54 -17.89
CA PRO B 100 -0.13 -37.35 -16.61
C PRO B 100 1.33 -37.78 -16.71
N TYR B 101 2.19 -37.06 -16.00
CA TYR B 101 3.63 -37.29 -16.02
C TYR B 101 4.11 -37.44 -14.58
N LYS B 102 4.88 -38.47 -14.31
CA LYS B 102 5.33 -38.72 -12.94
C LYS B 102 6.28 -37.61 -12.51
N GLU B 103 5.94 -36.92 -11.43
CA GLU B 103 6.78 -35.83 -10.95
C GLU B 103 8.20 -36.34 -10.68
N PRO B 104 9.22 -35.68 -11.17
CA PRO B 104 10.58 -35.98 -10.68
C PRO B 104 10.75 -35.47 -9.25
N THR B 105 11.52 -36.23 -8.45
CA THR B 105 11.62 -35.93 -7.02
C THR B 105 12.05 -34.49 -6.78
N SER B 106 12.85 -33.92 -7.70
CA SER B 106 13.26 -32.53 -7.56
C SER B 106 12.06 -31.58 -7.63
N ILE B 107 11.20 -31.76 -8.62
CA ILE B 107 10.01 -30.91 -8.77
C ILE B 107 8.95 -31.32 -7.75
N SER B 108 8.84 -32.60 -7.48
CA SER B 108 7.94 -33.07 -6.43
C SER B 108 8.26 -32.43 -5.09
N SER B 109 9.51 -31.99 -4.87
CA SER B 109 9.94 -31.52 -3.55
C SER B 109 9.81 -30.01 -3.44
N LEU B 110 9.39 -29.31 -4.51
CA LEU B 110 9.04 -27.89 -4.37
C LEU B 110 7.90 -27.69 -3.36
N ILE B 111 7.13 -28.73 -3.09
CA ILE B 111 6.08 -28.66 -2.09
C ILE B 111 6.61 -28.61 -0.68
N ASN B 112 7.89 -28.96 -0.46
CA ASN B 112 8.47 -28.98 0.87
C ASN B 112 9.31 -27.76 1.17
N LYS B 113 9.18 -26.71 0.39
CA LYS B 113 9.94 -25.48 0.60
C LYS B 113 8.98 -24.31 0.50
N SER B 114 8.87 -23.49 1.55
CA SER B 114 8.21 -22.19 1.40
C SER B 114 8.95 -21.37 0.34
N ASN B 115 8.32 -21.10 -0.78
CA ASN B 115 9.00 -20.55 -1.96
C ASN B 115 8.86 -19.04 -1.97
N ASN B 116 10.00 -18.36 -2.00
CA ASN B 116 10.05 -16.94 -1.67
C ASN B 116 9.66 -16.11 -2.87
N ILE B 117 8.81 -15.13 -2.62
CA ILE B 117 8.41 -14.15 -3.61
C ILE B 117 8.64 -12.78 -2.99
N ARG B 118 9.54 -12.01 -3.59
CA ARG B 118 9.86 -10.67 -3.14
C ARG B 118 9.37 -9.68 -4.18
N VAL B 119 8.48 -8.79 -3.75
CA VAL B 119 7.98 -7.75 -4.65
C VAL B 119 9.01 -6.63 -4.67
N VAL B 120 9.45 -6.24 -5.86
CA VAL B 120 10.41 -5.13 -6.01
C VAL B 120 9.76 -3.93 -6.65
N TYR B 121 8.57 -4.10 -7.23
CA TYR B 121 7.79 -2.96 -7.71
C TYR B 121 6.33 -3.38 -7.77
N LEU B 122 5.46 -2.52 -7.29
CA LEU B 122 4.04 -2.83 -7.24
C LEU B 122 3.27 -1.69 -7.88
N SER B 123 2.39 -2.03 -8.82
CA SER B 123 1.50 -1.08 -9.48
C SER B 123 0.11 -1.69 -9.55
N GLU B 124 -0.87 -0.87 -9.95
CA GLU B 124 -2.22 -1.38 -10.12
C GLU B 124 -2.35 -2.25 -11.37
N GLU B 125 -1.48 -2.05 -12.37
CA GLU B 125 -1.56 -2.89 -13.57
C GLU B 125 -0.54 -4.03 -13.61
N TYR B 126 0.53 -3.96 -12.87
CA TYR B 126 1.52 -5.03 -12.90
C TYR B 126 2.34 -5.01 -11.62
N VAL B 127 3.04 -6.12 -11.40
CA VAL B 127 3.94 -6.29 -10.26
C VAL B 127 5.24 -6.92 -10.75
N VAL B 128 6.35 -6.47 -10.19
CA VAL B 128 7.67 -7.01 -10.53
C VAL B 128 8.19 -7.76 -9.31
N VAL B 129 8.59 -9.01 -9.51
CA VAL B 129 9.02 -9.84 -8.40
C VAL B 129 10.32 -10.53 -8.74
N GLU B 130 11.08 -10.80 -7.68
CA GLU B 130 12.07 -11.86 -7.65
C GLU B 130 11.39 -13.10 -7.06
N PHE B 131 11.50 -14.22 -7.77
CA PHE B 131 10.86 -15.46 -7.28
C PHE B 131 11.75 -16.65 -7.61
N PHE B 132 11.26 -17.84 -7.30
CA PHE B 132 12.06 -19.01 -7.04
C PHE B 132 12.29 -19.89 -8.27
N PHE B 133 11.78 -19.54 -9.47
CA PHE B 133 12.12 -20.38 -10.62
C PHE B 133 13.63 -20.29 -10.83
N TYR B 134 14.26 -21.40 -11.23
CA TYR B 134 15.72 -21.48 -11.43
C TYR B 134 16.53 -21.06 -10.20
N ASP B 135 15.96 -21.15 -9.00
CA ASP B 135 16.56 -20.61 -7.79
C ASP B 135 16.86 -19.10 -7.90
N GLY B 136 16.04 -18.39 -8.67
CA GLY B 136 16.16 -16.94 -8.72
C GLY B 136 15.87 -16.43 -10.11
N GLN B 137 14.77 -15.69 -10.23
CA GLN B 137 14.35 -15.10 -11.48
C GLN B 137 13.60 -13.80 -11.23
N ILE B 138 13.84 -12.79 -12.07
CA ILE B 138 13.07 -11.54 -12.01
C ILE B 138 12.09 -11.52 -13.18
N ILE B 139 10.85 -11.12 -12.88
CA ILE B 139 9.80 -11.13 -13.87
C ILE B 139 8.71 -10.11 -13.52
N THR B 140 8.03 -9.65 -14.55
CA THR B 140 6.87 -8.76 -14.41
C THR B 140 5.63 -9.61 -14.63
N LEU B 141 4.65 -9.48 -13.72
CA LEU B 141 3.33 -10.09 -13.88
C LEU B 141 2.25 -9.04 -14.11
N HIS B 142 1.40 -9.26 -15.10
CA HIS B 142 0.32 -8.33 -15.41
C HIS B 142 -0.95 -8.72 -14.68
N ARG B 143 -1.65 -7.71 -14.18
CA ARG B 143 -2.84 -7.87 -13.38
C ARG B 143 -4.09 -7.81 -14.24
N TYR B 144 -5.08 -8.61 -13.88
CA TYR B 144 -6.41 -8.58 -14.55
C TYR B 144 -7.52 -8.91 -13.52
N ASP C 5 -29.49 -13.89 -27.85
CA ASP C 5 -30.60 -13.60 -26.94
C ASP C 5 -31.00 -14.87 -26.19
N ASP C 6 -30.91 -16.02 -26.86
CA ASP C 6 -31.09 -17.30 -26.20
C ASP C 6 -29.93 -17.54 -25.23
N TYR C 7 -30.20 -18.27 -24.14
CA TYR C 7 -29.12 -18.70 -23.26
C TYR C 7 -28.21 -19.68 -24.00
N PRO C 8 -26.94 -19.78 -23.61
CA PRO C 8 -26.04 -20.75 -24.25
C PRO C 8 -26.48 -22.18 -23.94
N SER C 9 -26.23 -23.07 -24.88
CA SER C 9 -26.47 -24.49 -24.74
C SER C 9 -25.23 -25.20 -24.17
N LEU C 10 -25.36 -26.50 -23.93
CA LEU C 10 -24.30 -27.30 -23.33
C LEU C 10 -23.26 -27.61 -24.39
N SER C 11 -22.08 -27.05 -24.22
CA SER C 11 -21.00 -27.18 -25.19
C SER C 11 -19.93 -28.19 -24.79
N PHE C 12 -19.79 -28.50 -23.50
CA PHE C 12 -18.80 -29.48 -23.06
C PHE C 12 -19.40 -30.18 -21.86
N GLN C 13 -19.27 -31.51 -21.83
CA GLN C 13 -19.75 -32.33 -20.73
C GLN C 13 -18.79 -33.50 -20.55
N GLN C 14 -18.22 -33.62 -19.37
CA GLN C 14 -17.42 -34.79 -19.04
C GLN C 14 -17.51 -35.06 -17.55
N ASP C 15 -17.82 -36.31 -17.20
CA ASP C 15 -17.99 -36.72 -15.81
C ASP C 15 -19.00 -35.82 -15.11
N TYR C 16 -18.53 -34.96 -14.22
CA TYR C 16 -19.41 -34.10 -13.45
C TYR C 16 -19.51 -32.69 -14.00
N VAL C 17 -18.74 -32.35 -15.04
CA VAL C 17 -18.63 -30.98 -15.52
C VAL C 17 -19.65 -30.74 -16.63
N TYR C 18 -20.35 -29.60 -16.55
CA TYR C 18 -21.34 -29.20 -17.54
C TYR C 18 -21.09 -27.73 -17.84
N ILE C 19 -20.61 -27.42 -19.06
CA ILE C 19 -20.25 -26.06 -19.44
C ILE C 19 -21.23 -25.58 -20.51
N PHE C 20 -21.80 -24.41 -20.27
CA PHE C 20 -22.78 -23.78 -21.15
C PHE C 20 -22.11 -22.54 -21.71
N SER C 21 -21.85 -22.55 -23.02
CA SER C 21 -21.17 -21.44 -23.71
C SER C 21 -21.30 -21.63 -25.23
N SER C 22 -21.36 -20.53 -25.93
CA SER C 22 -21.33 -20.55 -27.39
C SER C 22 -19.91 -20.52 -27.92
N ASP C 23 -18.89 -20.46 -27.05
CA ASP C 23 -17.49 -20.51 -27.48
C ASP C 23 -16.99 -21.94 -27.30
N PHE C 24 -17.00 -22.73 -28.40
CA PHE C 24 -16.64 -24.14 -28.29
C PHE C 24 -15.19 -24.34 -27.84
N GLN C 25 -14.23 -23.69 -28.51
CA GLN C 25 -12.83 -23.84 -28.10
C GLN C 25 -12.66 -23.48 -26.63
N LEU C 26 -13.22 -22.36 -26.19
CA LEU C 26 -13.07 -21.99 -24.80
C LEU C 26 -13.65 -23.06 -23.90
N SER C 27 -14.82 -23.61 -24.27
CA SER C 27 -15.46 -24.63 -23.43
C SER C 27 -14.60 -25.87 -23.29
N GLU C 28 -13.97 -26.30 -24.41
CA GLU C 28 -13.13 -27.50 -24.40
C GLU C 28 -11.88 -27.31 -23.53
N GLU C 29 -11.22 -26.17 -23.65
CA GLU C 29 -10.01 -25.94 -22.86
C GLU C 29 -10.35 -25.76 -21.40
N LEU C 30 -11.46 -25.06 -21.11
CA LEU C 30 -11.87 -24.86 -19.73
C LEU C 30 -12.26 -26.19 -19.09
N GLY C 31 -13.01 -27.01 -19.81
CA GLY C 31 -13.45 -28.26 -19.25
C GLY C 31 -12.28 -29.12 -18.79
N VAL C 32 -11.24 -29.23 -19.61
CA VAL C 32 -10.09 -30.05 -19.26
C VAL C 32 -9.37 -29.44 -18.08
N ALA C 33 -9.21 -28.11 -18.08
CA ALA C 33 -8.47 -27.46 -17.02
C ALA C 33 -9.16 -27.62 -15.68
N LEU C 34 -10.49 -27.57 -15.69
CA LEU C 34 -11.27 -27.73 -14.47
C LEU C 34 -11.13 -29.14 -13.92
N ILE C 35 -11.31 -30.13 -14.79
CA ILE C 35 -11.15 -31.53 -14.36
C ILE C 35 -9.76 -31.80 -13.78
N ASN C 36 -8.72 -31.29 -14.43
CA ASN C 36 -7.38 -31.51 -13.91
C ASN C 36 -7.17 -30.76 -12.59
N ALA C 37 -7.68 -29.53 -12.50
CA ALA C 37 -7.43 -28.73 -11.31
C ALA C 37 -8.15 -29.33 -10.11
N LEU C 38 -9.38 -29.80 -10.31
CA LEU C 38 -10.12 -30.38 -9.20
C LEU C 38 -9.49 -31.71 -8.81
N SER C 39 -9.02 -32.48 -9.79
CA SER C 39 -8.26 -33.68 -9.46
C SER C 39 -7.05 -33.33 -8.60
N ALA C 40 -6.33 -32.25 -8.95
CA ALA C 40 -5.19 -31.85 -8.14
C ALA C 40 -5.60 -31.50 -6.72
N LYS C 41 -6.81 -31.00 -6.55
CA LYS C 41 -7.34 -30.71 -5.22
C LYS C 41 -8.04 -31.89 -4.56
N GLU C 42 -8.22 -33.00 -5.25
CA GLU C 42 -8.95 -34.16 -4.72
C GLU C 42 -10.37 -33.75 -4.32
N ILE C 43 -10.98 -32.90 -5.14
CA ILE C 43 -12.37 -32.48 -4.98
C ILE C 43 -13.20 -33.12 -6.08
N VAL C 44 -14.25 -33.83 -5.68
CA VAL C 44 -15.14 -34.51 -6.61
C VAL C 44 -16.57 -34.01 -6.39
N PRO C 45 -17.00 -33.06 -7.22
CA PRO C 45 -18.38 -32.57 -7.07
C PRO C 45 -19.37 -33.64 -7.48
N GLU C 46 -20.59 -33.53 -6.95
CA GLU C 46 -21.69 -34.23 -7.60
C GLU C 46 -21.91 -33.67 -8.99
N ARG C 47 -21.96 -32.35 -9.12
CA ARG C 47 -22.10 -31.71 -10.41
C ARG C 47 -21.45 -30.34 -10.31
N LEU C 48 -20.89 -29.87 -11.43
CA LEU C 48 -20.32 -28.53 -11.55
C LEU C 48 -20.85 -27.92 -12.84
N TYR C 49 -21.73 -26.94 -12.72
CA TYR C 49 -22.33 -26.24 -13.85
C TYR C 49 -21.66 -24.88 -14.02
N VAL C 50 -21.24 -24.60 -15.23
CA VAL C 50 -20.52 -23.38 -15.59
C VAL C 50 -21.25 -22.73 -16.74
N MET C 51 -21.43 -21.41 -16.66
CA MET C 51 -22.01 -20.64 -17.75
C MET C 51 -21.09 -19.48 -18.14
N LEU C 52 -20.79 -19.38 -19.44
CA LEU C 52 -19.88 -18.36 -19.95
C LEU C 52 -20.68 -17.42 -20.87
N ASN C 53 -20.84 -16.19 -20.45
CA ASN C 53 -21.47 -15.18 -21.26
CA ASN C 53 -21.47 -15.17 -21.26
C ASN C 53 -20.41 -14.14 -21.65
N ASP C 54 -20.81 -13.18 -22.45
CA ASP C 54 -19.86 -12.20 -22.96
C ASP C 54 -18.99 -11.66 -21.82
N LYS C 55 -19.56 -10.78 -21.00
CA LYS C 55 -18.84 -10.15 -19.89
C LYS C 55 -19.33 -10.62 -18.52
N THR C 56 -19.54 -11.92 -18.36
CA THR C 56 -20.05 -12.48 -17.11
C THR C 56 -19.84 -13.99 -17.10
N ILE C 57 -19.21 -14.49 -16.06
CA ILE C 57 -19.07 -15.93 -15.84
C ILE C 57 -19.84 -16.27 -14.59
N SER C 58 -20.44 -17.46 -14.57
CA SER C 58 -21.12 -17.95 -13.37
C SER C 58 -20.90 -19.45 -13.28
N PHE C 59 -21.05 -20.00 -12.08
CA PHE C 59 -20.99 -21.43 -11.92
C PHE C 59 -21.78 -21.84 -10.67
N SER C 60 -22.17 -23.11 -10.67
CA SER C 60 -22.82 -23.74 -9.52
C SER C 60 -22.10 -25.02 -9.21
N PHE C 61 -21.45 -25.08 -8.05
CA PHE C 61 -20.81 -26.30 -7.56
C PHE C 61 -21.78 -27.01 -6.61
N ILE C 62 -22.17 -28.24 -6.95
CA ILE C 62 -23.07 -29.05 -6.13
C ILE C 62 -22.25 -30.19 -5.54
N SER C 63 -22.17 -30.25 -4.22
CA SER C 63 -21.38 -31.29 -3.57
C SER C 63 -22.22 -32.53 -3.36
N LYS C 64 -21.56 -33.61 -2.90
CA LYS C 64 -22.22 -34.90 -2.75
C LYS C 64 -23.32 -34.85 -1.69
N ASN C 65 -23.25 -33.91 -0.74
CA ASN C 65 -24.34 -33.73 0.22
C ASN C 65 -25.43 -32.82 -0.32
N LYS C 66 -25.36 -32.47 -1.61
CA LYS C 66 -26.40 -31.75 -2.35
C LYS C 66 -26.56 -30.32 -1.90
N LYS C 67 -25.58 -29.77 -1.19
CA LYS C 67 -25.47 -28.33 -1.02
C LYS C 67 -24.83 -27.72 -2.28
N SER C 68 -25.05 -26.41 -2.48
CA SER C 68 -24.47 -25.74 -3.64
C SER C 68 -23.71 -24.50 -3.22
N LYS C 69 -22.65 -24.20 -3.99
CA LYS C 69 -21.91 -22.94 -3.94
C LYS C 69 -22.05 -22.27 -5.31
N ASN C 70 -22.63 -21.08 -5.32
CA ASN C 70 -22.97 -20.37 -6.55
C ASN C 70 -22.21 -19.05 -6.59
N ARG C 71 -21.69 -18.71 -7.76
CA ARG C 71 -20.84 -17.56 -7.93
C ARG C 71 -21.13 -16.91 -9.26
N VAL C 72 -20.89 -15.61 -9.31
CA VAL C 72 -20.93 -14.82 -10.51
C VAL C 72 -19.71 -13.90 -10.47
N LEU C 73 -19.03 -13.76 -11.61
CA LEU C 73 -17.88 -12.89 -11.79
C LEU C 73 -18.11 -12.05 -13.04
N SER C 74 -18.15 -10.75 -12.87
CA SER C 74 -18.18 -9.86 -14.02
C SER C 74 -16.76 -9.42 -14.29
N THR C 75 -16.41 -9.29 -15.56
CA THR C 75 -15.05 -8.95 -15.98
C THR C 75 -15.07 -7.85 -17.02
N GLU C 76 -14.08 -6.96 -16.90
CA GLU C 76 -13.91 -5.92 -17.92
C GLU C 76 -13.32 -6.50 -19.20
N LYS C 77 -12.40 -7.45 -19.05
CA LYS C 77 -11.74 -8.10 -20.17
C LYS C 77 -12.12 -9.57 -20.20
N LYS C 78 -12.24 -10.11 -21.40
CA LYS C 78 -12.53 -11.55 -21.51
C LYS C 78 -11.35 -12.34 -20.95
N LEU C 79 -11.64 -13.26 -20.05
CA LEU C 79 -10.59 -14.01 -19.35
C LEU C 79 -10.27 -15.30 -20.10
N ASN C 80 -8.99 -15.69 -20.05
CA ASN C 80 -8.59 -16.94 -20.69
C ASN C 80 -9.03 -18.13 -19.83
N TYR C 81 -9.05 -19.31 -20.47
CA TYR C 81 -9.54 -20.51 -19.81
C TYR C 81 -8.76 -20.81 -18.53
N LYS C 82 -7.49 -20.42 -18.46
CA LYS C 82 -6.73 -20.69 -17.24
C LYS C 82 -7.26 -19.86 -16.08
N HIS C 83 -7.48 -18.58 -16.30
CA HIS C 83 -7.99 -17.74 -15.22
C HIS C 83 -9.41 -18.14 -14.79
N ILE C 84 -10.23 -18.55 -15.77
CA ILE C 84 -11.58 -19.02 -15.41
C ILE C 84 -11.48 -20.25 -14.50
N SER C 85 -10.70 -21.23 -14.92
CA SER C 85 -10.52 -22.44 -14.11
C SER C 85 -9.99 -22.08 -12.73
N GLU C 86 -8.98 -21.20 -12.66
CA GLU C 86 -8.39 -20.82 -11.38
C GLU C 86 -9.40 -20.12 -10.49
N TYR C 87 -10.22 -19.26 -11.08
CA TYR C 87 -11.28 -18.58 -10.34
C TYR C 87 -12.26 -19.58 -9.75
N ILE C 88 -12.74 -20.53 -10.57
CA ILE C 88 -13.72 -21.51 -10.09
C ILE C 88 -13.14 -22.34 -8.94
N VAL C 89 -11.92 -22.83 -9.09
CA VAL C 89 -11.40 -23.71 -8.06
C VAL C 89 -11.02 -22.94 -6.80
N ASN C 90 -10.55 -21.69 -6.93
CA ASN C 90 -10.36 -20.87 -5.74
C ASN C 90 -11.68 -20.64 -4.99
N GLU C 91 -12.75 -20.30 -5.71
CA GLU C 91 -14.03 -20.07 -5.03
C GLU C 91 -14.58 -21.34 -4.38
N ILE C 92 -14.36 -22.50 -5.01
CA ILE C 92 -14.82 -23.77 -4.44
C ILE C 92 -14.10 -24.10 -3.15
N GLU C 93 -12.78 -23.92 -3.12
CA GLU C 93 -11.93 -24.24 -1.98
C GLU C 93 -12.49 -23.65 -0.69
N TYR C 94 -12.48 -22.33 -0.58
CA TYR C 94 -13.16 -21.65 0.53
C TYR C 94 -13.79 -20.38 0.01
N GLN D 12 -56.32 -26.00 -5.42
CA GLN D 12 -55.56 -27.22 -5.68
C GLN D 12 -54.06 -27.06 -5.41
N ASP D 13 -53.43 -26.21 -6.20
CA ASP D 13 -51.97 -26.16 -6.31
C ASP D 13 -51.27 -25.95 -4.97
N PRO D 14 -50.43 -26.88 -4.52
CA PRO D 14 -49.69 -26.66 -3.29
C PRO D 14 -48.57 -25.66 -3.49
N VAL D 15 -48.18 -25.00 -2.41
CA VAL D 15 -47.11 -24.03 -2.47
C VAL D 15 -45.79 -24.79 -2.41
N HIS D 16 -44.89 -24.53 -3.37
CA HIS D 16 -43.53 -25.06 -3.38
C HIS D 16 -42.53 -23.94 -3.04
N PHE D 17 -41.49 -24.27 -2.30
CA PHE D 17 -40.56 -23.28 -1.76
C PHE D 17 -39.18 -23.59 -2.33
N TYR D 18 -38.50 -22.56 -2.83
CA TYR D 18 -37.14 -22.67 -3.34
C TYR D 18 -36.27 -21.62 -2.68
N GLU D 19 -35.01 -21.98 -2.42
CA GLU D 19 -34.03 -21.07 -1.87
C GLU D 19 -32.63 -21.37 -2.38
N THR D 20 -31.80 -20.33 -2.40
CA THR D 20 -30.38 -20.51 -2.70
C THR D 20 -29.70 -19.20 -2.34
N SER D 21 -28.38 -19.12 -2.58
CA SER D 21 -27.65 -17.87 -2.43
C SER D 21 -26.45 -17.93 -3.36
N TYR D 22 -25.94 -16.74 -3.70
CA TYR D 22 -24.76 -16.66 -4.54
C TYR D 22 -23.94 -15.44 -4.13
N LYS D 23 -22.69 -15.40 -4.60
CA LYS D 23 -21.82 -14.26 -4.37
C LYS D 23 -21.42 -13.72 -5.74
N TYR D 24 -21.44 -12.40 -5.84
CA TYR D 24 -21.07 -11.68 -7.05
C TYR D 24 -19.82 -10.83 -6.84
N GLN D 25 -18.87 -10.95 -7.75
CA GLN D 25 -17.68 -10.08 -7.73
C GLN D 25 -17.77 -9.11 -8.92
N ALA D 26 -17.76 -7.81 -8.62
CA ALA D 26 -17.86 -6.80 -9.65
C ALA D 26 -16.58 -6.72 -10.49
N ALA D 27 -16.73 -6.18 -11.70
CA ALA D 27 -15.58 -6.06 -12.59
C ALA D 27 -14.50 -5.18 -11.99
N ASP D 28 -14.90 -4.12 -11.29
CA ASP D 28 -13.93 -3.29 -10.59
C ASP D 28 -13.22 -4.04 -9.46
N SER D 29 -13.84 -5.07 -8.90
CA SER D 29 -13.38 -5.75 -7.69
C SER D 29 -13.47 -4.83 -6.50
N THR D 30 -14.15 -3.71 -6.63
CA THR D 30 -14.29 -2.78 -5.51
C THR D 30 -15.39 -3.23 -4.54
N TYR D 31 -16.32 -4.05 -4.99
CA TYR D 31 -17.40 -4.52 -4.13
C TYR D 31 -17.78 -5.94 -4.50
N MET D 32 -18.40 -6.62 -3.55
CA MET D 32 -18.95 -7.94 -3.73
C MET D 32 -20.36 -7.94 -3.15
N HIS D 33 -21.26 -8.67 -3.79
CA HIS D 33 -22.63 -8.84 -3.33
C HIS D 33 -22.84 -10.26 -2.83
N ASP D 34 -23.40 -10.38 -1.63
CA ASP D 34 -23.90 -11.63 -1.10
C ASP D 34 -25.41 -11.59 -1.26
N VAL D 35 -25.97 -12.49 -2.05
CA VAL D 35 -27.36 -12.40 -2.50
C VAL D 35 -28.07 -13.67 -2.09
N ALA D 36 -29.15 -13.54 -1.30
CA ALA D 36 -30.02 -14.65 -0.93
C ALA D 36 -31.32 -14.58 -1.71
N ILE D 37 -31.75 -15.70 -2.28
CA ILE D 37 -32.94 -15.77 -3.11
C ILE D 37 -33.93 -16.73 -2.46
N ASN D 38 -35.14 -16.24 -2.19
CA ASN D 38 -36.26 -17.07 -1.75
C ASN D 38 -37.37 -16.88 -2.75
N VAL D 39 -37.95 -17.99 -3.19
CA VAL D 39 -39.05 -17.97 -4.17
C VAL D 39 -40.07 -19.02 -3.76
N SER D 40 -41.35 -18.68 -3.87
CA SER D 40 -42.43 -19.63 -3.61
C SER D 40 -43.35 -19.62 -4.79
N ILE D 41 -43.79 -20.80 -5.20
CA ILE D 41 -44.63 -20.96 -6.39
C ILE D 41 -45.94 -21.64 -6.00
N LYS D 42 -47.06 -21.11 -6.49
CA LYS D 42 -48.38 -21.72 -6.28
C LYS D 42 -49.09 -21.65 -7.62
N GLY D 43 -49.30 -22.80 -8.25
CA GLY D 43 -49.79 -22.81 -9.62
C GLY D 43 -48.83 -22.06 -10.54
N ASN D 44 -49.34 -21.06 -11.24
CA ASN D 44 -48.48 -20.22 -12.05
C ASN D 44 -48.29 -18.83 -11.43
N HIS D 45 -48.43 -18.73 -10.10
CA HIS D 45 -48.11 -17.52 -9.37
C HIS D 45 -46.80 -17.71 -8.60
N PHE D 46 -46.02 -16.63 -8.51
CA PHE D 46 -44.81 -16.68 -7.69
C PHE D 46 -44.69 -15.37 -6.92
N THR D 47 -44.07 -15.45 -5.76
CA THR D 47 -43.62 -14.31 -4.97
C THR D 47 -42.18 -14.61 -4.60
N SER D 48 -41.33 -13.57 -4.56
CA SER D 48 -39.90 -13.72 -4.35
C SER D 48 -39.33 -12.62 -3.49
N ASP D 49 -38.39 -13.00 -2.61
CA ASP D 49 -37.67 -12.07 -1.76
C ASP D 49 -36.18 -12.26 -2.06
N ILE D 50 -35.51 -11.15 -2.40
CA ILE D 50 -34.08 -11.16 -2.72
C ILE D 50 -33.39 -10.21 -1.76
N ILE D 51 -32.44 -10.74 -0.98
CA ILE D 51 -31.72 -9.95 0.02
C ILE D 51 -30.29 -9.81 -0.49
N ILE D 52 -29.83 -8.57 -0.62
CA ILE D 52 -28.50 -8.30 -1.14
C ILE D 52 -27.69 -7.53 -0.11
N ARG D 53 -26.52 -8.06 0.23
CA ARG D 53 -25.59 -7.43 1.16
C ARG D 53 -24.36 -7.01 0.37
N GLU D 54 -24.05 -5.72 0.42
CA GLU D 54 -22.98 -5.11 -0.37
C GLU D 54 -21.74 -5.01 0.51
N LEU D 55 -20.73 -5.80 0.19
CA LEU D 55 -19.51 -5.91 0.98
C LEU D 55 -18.37 -5.22 0.26
N VAL D 56 -17.66 -4.36 0.97
CA VAL D 56 -16.48 -3.68 0.45
C VAL D 56 -15.38 -3.83 1.50
N LYS D 57 -14.40 -4.70 1.24
CA LYS D 57 -13.24 -4.89 2.10
C LYS D 57 -13.65 -5.01 3.57
N SER D 58 -14.27 -6.16 3.87
CA SER D 58 -14.59 -6.54 5.25
C SER D 58 -15.49 -5.51 5.94
N GLU D 59 -16.38 -4.89 5.17
CA GLU D 59 -17.34 -3.93 5.72
C GLU D 59 -18.66 -4.06 4.99
N ASN D 60 -19.74 -4.27 5.73
CA ASN D 60 -21.08 -4.25 5.16
C ASN D 60 -21.46 -2.80 4.89
N LYS D 61 -21.40 -2.40 3.62
CA LYS D 61 -21.70 -1.02 3.27
C LYS D 61 -23.20 -0.79 3.07
N ASN D 62 -23.91 -1.71 2.43
CA ASN D 62 -25.30 -1.46 2.09
C ASN D 62 -26.06 -2.77 2.09
N TYR D 63 -27.36 -2.67 2.35
CA TYR D 63 -28.29 -3.78 2.24
C TYR D 63 -29.41 -3.38 1.30
N TYR D 64 -29.82 -4.29 0.45
CA TYR D 64 -30.94 -4.11 -0.45
C TYR D 64 -31.94 -5.25 -0.28
N ASN D 65 -33.22 -4.91 -0.25
CA ASN D 65 -34.30 -5.88 -0.15
C ASN D 65 -35.23 -5.70 -1.34
N VAL D 66 -35.33 -6.73 -2.17
CA VAL D 66 -36.09 -6.67 -3.41
C VAL D 66 -37.25 -7.66 -3.26
N ILE D 67 -38.47 -7.16 -3.43
CA ILE D 67 -39.69 -7.96 -3.36
C ILE D 67 -40.37 -7.95 -4.72
N GLY D 68 -40.62 -9.13 -5.26
CA GLY D 68 -41.26 -9.24 -6.56
C GLY D 68 -42.35 -10.29 -6.52
N HIS D 69 -43.27 -10.18 -7.48
CA HIS D 69 -44.33 -11.17 -7.59
C HIS D 69 -44.94 -11.07 -8.98
N GLY D 70 -45.56 -12.18 -9.41
CA GLY D 70 -46.20 -12.19 -10.71
C GLY D 70 -46.53 -13.60 -11.15
N ASP D 71 -46.47 -13.82 -12.47
CA ASP D 71 -46.77 -15.10 -13.09
C ASP D 71 -45.49 -15.83 -13.50
N ILE D 72 -45.44 -17.12 -13.22
CA ILE D 72 -44.46 -18.05 -13.79
C ILE D 72 -45.21 -19.00 -14.71
N ILE D 73 -44.86 -18.96 -15.99
CA ILE D 73 -45.54 -19.70 -17.04
C ILE D 73 -44.57 -20.68 -17.69
N GLN D 74 -45.00 -21.93 -17.83
CA GLN D 74 -44.20 -22.96 -18.49
C GLN D 74 -44.47 -22.96 -20.00
N LYS D 75 -43.42 -22.77 -20.81
CA LYS D 75 -43.54 -22.86 -22.26
C LYS D 75 -43.41 -24.30 -22.72
N ASN D 76 -42.50 -25.05 -22.12
CA ASN D 76 -42.29 -26.43 -22.49
C ASN D 76 -41.56 -27.11 -21.34
N THR D 77 -41.05 -28.32 -21.58
CA THR D 77 -40.51 -29.12 -20.48
C THR D 77 -39.46 -28.35 -19.67
N HIS D 78 -38.62 -27.59 -20.34
CA HIS D 78 -37.52 -26.90 -19.66
C HIS D 78 -37.60 -25.38 -19.65
N GLN D 79 -38.41 -24.76 -20.51
CA GLN D 79 -38.41 -23.31 -20.59
C GLN D 79 -39.62 -22.72 -19.88
N TYR D 80 -39.36 -21.77 -18.99
CA TYR D 80 -40.36 -20.97 -18.29
C TYR D 80 -40.06 -19.49 -18.53
N TYR D 81 -41.01 -18.65 -18.15
CA TYR D 81 -40.69 -17.23 -18.06
C TYR D 81 -41.49 -16.58 -16.95
N LEU D 82 -40.95 -15.48 -16.43
CA LEU D 82 -41.56 -14.76 -15.32
C LEU D 82 -42.07 -13.42 -15.82
N ASN D 83 -43.34 -13.18 -15.57
CA ASN D 83 -43.95 -11.89 -15.84
C ASN D 83 -44.14 -11.26 -14.46
N PHE D 84 -43.42 -10.19 -14.19
CA PHE D 84 -43.57 -9.50 -12.91
C PHE D 84 -44.75 -8.54 -13.00
N ASP D 85 -45.66 -8.61 -12.04
CA ASP D 85 -46.66 -7.57 -11.86
C ASP D 85 -46.06 -6.35 -11.18
N ASN D 86 -45.10 -6.52 -10.28
CA ASN D 86 -44.53 -5.40 -9.55
C ASN D 86 -43.27 -5.88 -8.87
N ILE D 87 -42.33 -4.95 -8.67
CA ILE D 87 -41.10 -5.18 -7.93
C ILE D 87 -40.86 -3.93 -7.11
N ASP D 88 -40.67 -4.11 -5.81
CA ASP D 88 -40.34 -3.04 -4.89
C ASP D 88 -38.94 -3.29 -4.36
N VAL D 89 -38.26 -2.18 -4.04
CA VAL D 89 -36.88 -2.17 -3.55
C VAL D 89 -36.78 -1.32 -2.28
N TYR D 90 -36.12 -1.88 -1.28
CA TYR D 90 -35.81 -1.19 -0.03
C TYR D 90 -34.31 -1.22 0.18
N THR D 91 -33.81 -0.19 0.86
CA THR D 91 -32.38 -0.07 1.06
C THR D 91 -32.10 0.56 2.41
N GLY D 92 -30.93 0.24 2.95
CA GLY D 92 -30.49 0.79 4.23
C GLY D 92 -29.11 0.27 4.56
N THR D 93 -28.54 0.85 5.62
CA THR D 93 -27.24 0.44 6.10
C THR D 93 -27.34 -0.53 7.28
N ASN D 94 -28.56 -0.92 7.67
CA ASN D 94 -28.74 -1.96 8.67
C ASN D 94 -30.17 -2.48 8.54
N LYS D 95 -30.36 -3.74 8.94
CA LYS D 95 -31.63 -4.41 8.68
C LYS D 95 -32.82 -3.66 9.27
N ALA D 96 -32.60 -2.89 10.33
CA ALA D 96 -33.67 -2.12 10.97
C ALA D 96 -33.77 -0.70 10.43
N ASN D 97 -33.06 -0.39 9.34
CA ASN D 97 -33.04 0.96 8.78
C ASN D 97 -33.59 0.98 7.36
N MET D 98 -34.24 -0.08 6.92
CA MET D 98 -34.62 -0.22 5.52
C MET D 98 -35.75 0.74 5.19
N LYS D 99 -35.57 1.51 4.12
CA LYS D 99 -36.55 2.46 3.64
C LYS D 99 -36.72 2.27 2.14
N PRO D 100 -37.90 2.63 1.61
CA PRO D 100 -38.13 2.47 0.16
C PRO D 100 -37.09 3.19 -0.67
N TYR D 101 -36.79 2.64 -1.84
CA TYR D 101 -35.76 3.14 -2.75
C TYR D 101 -36.33 3.26 -4.15
N LYS D 102 -35.97 4.34 -4.83
CA LYS D 102 -36.38 4.51 -6.22
C LYS D 102 -35.92 3.32 -7.05
N GLU D 103 -36.79 2.83 -7.90
CA GLU D 103 -36.50 1.64 -8.70
C GLU D 103 -35.71 2.02 -9.94
N PRO D 104 -34.50 1.50 -10.13
CA PRO D 104 -33.69 1.93 -11.28
C PRO D 104 -34.11 1.24 -12.57
N THR D 105 -33.30 1.45 -13.62
CA THR D 105 -33.60 0.90 -14.92
C THR D 105 -33.59 -0.61 -14.89
N SER D 106 -32.64 -1.21 -14.16
CA SER D 106 -32.57 -2.67 -14.10
C SER D 106 -33.85 -3.29 -13.54
N ILE D 107 -34.52 -2.58 -12.62
CA ILE D 107 -35.76 -3.11 -12.05
C ILE D 107 -36.92 -2.86 -12.99
N SER D 108 -37.13 -1.60 -13.38
CA SER D 108 -38.29 -1.24 -14.18
C SER D 108 -38.31 -2.00 -15.50
N SER D 109 -37.14 -2.39 -16.01
CA SER D 109 -37.11 -3.13 -17.27
C SER D 109 -37.58 -4.58 -17.10
N LEU D 110 -37.34 -5.18 -15.94
CA LEU D 110 -37.83 -6.53 -15.73
C LEU D 110 -39.37 -6.59 -15.74
N ILE D 111 -40.03 -5.53 -15.27
CA ILE D 111 -41.48 -5.52 -15.25
C ILE D 111 -42.09 -5.40 -16.64
N ASN D 112 -41.34 -4.91 -17.62
CA ASN D 112 -41.87 -4.59 -18.93
C ASN D 112 -41.70 -5.71 -19.94
N LYS D 113 -41.36 -6.93 -19.49
CA LYS D 113 -41.15 -8.02 -20.44
C LYS D 113 -41.20 -9.36 -19.71
N SER D 114 -41.24 -10.43 -20.50
CA SER D 114 -41.09 -11.77 -20.00
C SER D 114 -39.61 -12.07 -19.74
N ASN D 115 -39.35 -12.75 -18.63
CA ASN D 115 -37.99 -13.01 -18.20
C ASN D 115 -37.77 -14.52 -18.22
N ASN D 116 -36.81 -14.96 -19.05
CA ASN D 116 -36.67 -16.37 -19.38
C ASN D 116 -35.91 -17.17 -18.33
N ILE D 117 -36.44 -18.34 -18.03
CA ILE D 117 -35.78 -19.33 -17.19
C ILE D 117 -35.73 -20.63 -17.97
N ARG D 118 -34.55 -21.24 -18.01
CA ARG D 118 -34.32 -22.51 -18.70
C ARG D 118 -33.78 -23.53 -17.70
N VAL D 119 -34.57 -24.56 -17.42
CA VAL D 119 -34.12 -25.66 -16.57
C VAL D 119 -33.14 -26.53 -17.33
N VAL D 120 -31.97 -26.76 -16.75
CA VAL D 120 -30.99 -27.66 -17.36
C VAL D 120 -30.85 -28.95 -16.56
N TYR D 121 -31.34 -28.98 -15.33
CA TYR D 121 -31.37 -30.22 -14.55
C TYR D 121 -32.43 -30.09 -13.48
N LEU D 122 -33.23 -31.14 -13.31
CA LEU D 122 -34.30 -31.15 -12.32
C LEU D 122 -34.18 -32.37 -11.43
N SER D 123 -34.21 -32.16 -10.12
CA SER D 123 -34.22 -33.21 -9.13
C SER D 123 -35.30 -32.89 -8.12
N GLU D 124 -35.60 -33.84 -7.25
CA GLU D 124 -36.54 -33.56 -6.17
C GLU D 124 -35.93 -32.67 -5.08
N GLU D 125 -34.60 -32.65 -4.98
CA GLU D 125 -33.95 -31.83 -3.97
C GLU D 125 -33.59 -30.46 -4.51
N TYR D 126 -33.33 -30.32 -5.80
CA TYR D 126 -32.91 -29.02 -6.33
C TYR D 126 -33.15 -28.96 -7.84
N VAL D 127 -33.12 -27.74 -8.35
CA VAL D 127 -33.24 -27.46 -9.77
C VAL D 127 -32.08 -26.55 -10.18
N VAL D 128 -31.54 -26.79 -11.37
CA VAL D 128 -30.43 -26.00 -11.90
C VAL D 128 -30.97 -25.28 -13.12
N VAL D 129 -30.90 -23.93 -13.09
CA VAL D 129 -31.46 -23.11 -14.16
C VAL D 129 -30.44 -22.12 -14.70
N GLU D 130 -30.57 -21.81 -15.99
CA GLU D 130 -30.06 -20.57 -16.57
C GLU D 130 -31.16 -19.55 -16.45
N PHE D 131 -30.87 -18.38 -15.86
CA PHE D 131 -31.90 -17.37 -15.70
C PHE D 131 -31.29 -15.99 -15.95
N PHE D 132 -32.08 -14.96 -15.72
CA PHE D 132 -31.91 -13.68 -16.37
C PHE D 132 -31.11 -12.67 -15.58
N PHE D 133 -30.69 -12.98 -14.35
CA PHE D 133 -29.82 -12.07 -13.64
C PHE D 133 -28.55 -11.83 -14.45
N TYR D 134 -28.12 -10.56 -14.52
CA TYR D 134 -26.91 -10.14 -15.24
C TYR D 134 -26.98 -10.55 -16.72
N ASP D 135 -28.20 -10.68 -17.25
CA ASP D 135 -28.42 -11.12 -18.63
C ASP D 135 -27.90 -12.53 -18.89
N GLY D 136 -27.76 -13.34 -17.85
CA GLY D 136 -27.32 -14.72 -17.97
C GLY D 136 -26.51 -15.17 -16.77
N GLN D 137 -27.11 -16.10 -16.04
CA GLN D 137 -26.54 -16.67 -14.84
C GLN D 137 -27.03 -18.11 -14.73
N ILE D 138 -26.11 -19.00 -14.34
CA ILE D 138 -26.47 -20.36 -13.94
C ILE D 138 -26.45 -20.52 -12.42
N ILE D 139 -27.47 -21.19 -11.88
CA ILE D 139 -27.60 -21.29 -10.43
C ILE D 139 -28.41 -22.53 -10.06
N THR D 140 -28.14 -23.07 -8.88
CA THR D 140 -28.93 -24.16 -8.32
C THR D 140 -29.89 -23.58 -7.27
N LEU D 141 -31.17 -23.92 -7.38
CA LEU D 141 -32.16 -23.60 -6.37
C LEU D 141 -32.59 -24.86 -5.62
N HIS D 142 -32.62 -24.79 -4.32
CA HIS D 142 -32.87 -25.96 -3.48
C HIS D 142 -34.35 -25.93 -3.08
N ARG D 143 -34.99 -27.05 -3.29
CA ARG D 143 -36.39 -27.15 -2.91
C ARG D 143 -36.47 -27.39 -1.43
N TYR D 144 -37.24 -26.57 -0.73
CA TYR D 144 -37.34 -26.65 0.74
C TYR D 144 -38.63 -27.33 1.08
N ASP E 6 15.69 -9.99 10.69
CA ASP E 6 16.86 -9.14 10.55
C ASP E 6 16.41 -7.70 10.27
N TYR E 7 17.31 -6.90 9.69
CA TYR E 7 16.97 -5.52 9.39
C TYR E 7 15.96 -5.43 8.24
N PRO E 8 15.13 -4.39 8.21
CA PRO E 8 14.20 -4.23 7.09
C PRO E 8 14.93 -4.05 5.77
N SER E 9 14.31 -4.52 4.70
CA SER E 9 14.86 -4.38 3.36
C SER E 9 14.26 -3.16 2.68
N LEU E 10 14.70 -2.90 1.45
CA LEU E 10 14.23 -1.74 0.69
C LEU E 10 12.73 -1.83 0.48
N SER E 11 12.02 -0.83 0.94
CA SER E 11 10.57 -0.76 0.80
C SER E 11 10.10 0.29 -0.20
N PHE E 12 10.87 1.35 -0.41
CA PHE E 12 10.58 2.31 -1.47
C PHE E 12 11.90 2.85 -2.03
N GLN E 13 11.89 3.14 -3.33
CA GLN E 13 13.08 3.58 -4.03
C GLN E 13 12.64 4.47 -5.18
N GLN E 14 13.24 5.65 -5.27
CA GLN E 14 13.00 6.57 -6.38
C GLN E 14 14.15 7.55 -6.44
N ASP E 15 14.74 7.71 -7.62
CA ASP E 15 15.90 8.58 -7.79
C ASP E 15 16.94 8.30 -6.70
N TYR E 16 17.28 9.31 -5.91
CA TYR E 16 18.30 9.17 -4.87
C TYR E 16 17.76 8.68 -3.53
N VAL E 17 16.46 8.47 -3.41
CA VAL E 17 15.83 8.08 -2.15
C VAL E 17 15.77 6.55 -2.04
N TYR E 18 16.29 6.05 -0.93
CA TYR E 18 16.22 4.63 -0.59
C TYR E 18 15.68 4.52 0.84
N ILE E 19 14.50 3.92 0.99
CA ILE E 19 13.85 3.80 2.28
C ILE E 19 13.77 2.32 2.64
N PHE E 20 14.20 2.00 3.84
CA PHE E 20 14.18 0.63 4.36
C PHE E 20 13.22 0.59 5.54
N SER E 21 12.22 -0.29 5.48
CA SER E 21 11.25 -0.43 6.57
C SER E 21 10.36 -1.63 6.30
N SER E 22 9.46 -1.91 7.23
CA SER E 22 8.45 -2.95 7.07
C SER E 22 7.06 -2.40 6.80
N ASP E 23 6.90 -1.08 6.79
CA ASP E 23 5.62 -0.42 6.53
C ASP E 23 5.69 0.23 5.14
N PHE E 24 5.29 -0.52 4.12
CA PHE E 24 5.38 -0.02 2.76
C PHE E 24 4.57 1.25 2.58
N GLN E 25 3.35 1.29 3.15
CA GLN E 25 2.52 2.47 3.05
C GLN E 25 3.29 3.71 3.50
N LEU E 26 3.79 3.66 4.73
CA LEU E 26 4.63 4.75 5.25
C LEU E 26 5.71 5.15 4.26
N SER E 27 6.31 4.17 3.56
CA SER E 27 7.52 4.42 2.80
C SER E 27 7.26 5.24 1.55
N GLU E 28 6.23 4.87 0.78
CA GLU E 28 5.99 5.59 -0.47
C GLU E 28 5.68 7.06 -0.23
N GLU E 29 4.69 7.34 0.64
CA GLU E 29 4.34 8.74 0.93
C GLU E 29 5.56 9.49 1.45
N LEU E 30 6.32 8.87 2.34
CA LEU E 30 7.54 9.50 2.83
C LEU E 30 8.49 9.80 1.69
N GLY E 31 8.65 8.85 0.76
CA GLY E 31 9.59 9.04 -0.34
C GLY E 31 9.22 10.20 -1.24
N VAL E 32 7.94 10.33 -1.58
CA VAL E 32 7.53 11.42 -2.46
C VAL E 32 7.63 12.76 -1.74
N ALA E 33 7.21 12.80 -0.48
CA ALA E 33 7.31 14.01 0.30
C ALA E 33 8.75 14.50 0.36
N LEU E 34 9.71 13.55 0.46
CA LEU E 34 11.12 13.91 0.58
C LEU E 34 11.64 14.52 -0.71
N ILE E 35 11.32 13.90 -1.85
CA ILE E 35 11.78 14.45 -3.13
C ILE E 35 11.16 15.83 -3.37
N ASN E 36 9.86 15.97 -3.12
CA ASN E 36 9.21 17.27 -3.25
C ASN E 36 9.84 18.30 -2.32
N ALA E 37 10.05 17.91 -1.05
CA ALA E 37 10.60 18.85 -0.09
C ALA E 37 12.03 19.25 -0.45
N LEU E 38 12.82 18.29 -0.93
CA LEU E 38 14.21 18.57 -1.24
C LEU E 38 14.36 19.32 -2.55
N SER E 39 13.45 19.11 -3.50
CA SER E 39 13.47 19.91 -4.73
C SER E 39 13.19 21.38 -4.42
N ALA E 40 12.22 21.63 -3.54
CA ALA E 40 11.92 23.00 -3.13
C ALA E 40 13.17 23.70 -2.63
N LYS E 41 14.02 22.99 -1.88
CA LYS E 41 15.20 23.60 -1.30
C LYS E 41 16.41 23.57 -2.23
N GLU E 42 16.25 23.11 -3.46
CA GLU E 42 17.35 23.02 -4.42
C GLU E 42 18.54 22.24 -3.83
N ILE E 43 18.22 21.12 -3.17
CA ILE E 43 19.19 20.21 -2.60
C ILE E 43 19.01 18.87 -3.28
N VAL E 44 20.07 18.40 -3.93
CA VAL E 44 20.04 17.12 -4.65
C VAL E 44 21.09 16.20 -4.03
N PRO E 45 20.67 15.27 -3.15
CA PRO E 45 21.64 14.32 -2.59
C PRO E 45 22.20 13.44 -3.67
N GLU E 46 23.45 13.02 -3.49
CA GLU E 46 23.94 11.85 -4.22
C GLU E 46 23.11 10.63 -3.85
N ARG E 47 22.89 10.41 -2.55
CA ARG E 47 22.01 9.37 -2.05
C ARG E 47 21.39 9.86 -0.75
N LEU E 48 20.17 9.42 -0.51
CA LEU E 48 19.50 9.69 0.76
C LEU E 48 18.90 8.38 1.26
N TYR E 49 19.58 7.78 2.23
CA TYR E 49 19.16 6.52 2.84
C TYR E 49 18.38 6.80 4.11
N VAL E 50 17.25 6.12 4.29
CA VAL E 50 16.41 6.31 5.45
C VAL E 50 16.03 4.92 5.97
N MET E 51 16.04 4.76 7.29
CA MET E 51 15.65 3.52 7.92
C MET E 51 14.58 3.83 8.96
N LEU E 52 13.50 3.08 8.94
CA LEU E 52 12.38 3.29 9.85
C LEU E 52 12.18 2.05 10.70
N ASN E 53 12.25 2.22 12.02
CA ASN E 53 12.07 1.15 12.97
C ASN E 53 10.95 1.48 13.95
N ASP E 54 10.47 0.45 14.65
CA ASP E 54 9.30 0.62 15.52
C ASP E 54 9.48 1.78 16.49
N LYS E 55 10.72 2.09 16.87
CA LYS E 55 10.98 3.12 17.86
C LYS E 55 12.11 4.09 17.46
N THR E 56 12.63 3.97 16.25
CA THR E 56 13.81 4.75 15.85
C THR E 56 13.72 5.08 14.38
N ILE E 57 14.22 6.26 14.04
CA ILE E 57 14.35 6.74 12.67
C ILE E 57 15.80 7.16 12.49
N SER E 58 16.40 6.79 11.36
CA SER E 58 17.76 7.21 11.03
C SER E 58 17.86 7.44 9.52
N PHE E 59 18.75 8.34 9.15
CA PHE E 59 19.00 8.54 7.72
C PHE E 59 20.45 8.88 7.52
N SER E 60 20.92 8.65 6.29
CA SER E 60 22.24 9.09 5.86
C SER E 60 22.05 9.90 4.58
N PHE E 61 22.33 11.19 4.64
CA PHE E 61 22.35 12.08 3.49
C PHE E 61 23.79 12.18 2.97
N ILE E 62 23.97 11.83 1.70
CA ILE E 62 25.29 11.83 1.09
C ILE E 62 25.30 12.97 0.08
N SER E 63 26.11 13.99 0.35
CA SER E 63 26.19 15.15 -0.52
C SER E 63 26.92 14.78 -1.81
N LYS E 64 26.82 15.65 -2.80
CA LYS E 64 27.34 15.31 -4.11
C LYS E 64 28.85 15.38 -4.19
N ASN E 65 29.51 15.84 -3.13
CA ASN E 65 30.95 15.63 -2.98
C ASN E 65 31.26 14.51 -1.97
N LYS E 66 30.32 13.60 -1.77
CA LYS E 66 30.51 12.34 -1.06
C LYS E 66 30.76 12.53 0.43
N LYS E 67 30.36 13.66 0.99
CA LYS E 67 30.31 13.82 2.42
C LYS E 67 28.92 13.42 2.92
N SER E 68 28.84 12.93 4.15
CA SER E 68 27.60 12.37 4.66
C SER E 68 27.15 13.09 5.92
N LYS E 69 25.84 13.23 6.06
CA LYS E 69 25.20 13.77 7.25
C LYS E 69 24.26 12.70 7.78
N ASN E 70 24.56 12.18 8.97
CA ASN E 70 23.86 11.03 9.54
C ASN E 70 23.13 11.44 10.81
N ARG E 71 21.93 10.91 10.98
CA ARG E 71 21.07 11.29 12.10
C ARG E 71 20.33 10.08 12.60
N VAL E 72 19.93 10.15 13.86
CA VAL E 72 19.09 9.14 14.49
C VAL E 72 18.06 9.86 15.36
N LEU E 73 16.80 9.49 15.22
CA LEU E 73 15.74 10.06 16.04
C LEU E 73 14.95 8.95 16.71
N SER E 74 14.94 8.93 18.04
CA SER E 74 14.03 8.06 18.79
C SER E 74 12.77 8.86 19.10
N THR E 75 11.65 8.15 19.14
CA THR E 75 10.36 8.82 19.32
C THR E 75 9.46 7.96 20.19
N GLU E 76 8.84 8.59 21.19
CA GLU E 76 7.86 7.88 22.00
C GLU E 76 6.73 7.32 21.13
N LYS E 77 6.01 8.21 20.45
CA LYS E 77 4.89 7.84 19.61
C LYS E 77 5.30 7.86 18.15
N LYS E 78 4.65 7.00 17.35
CA LYS E 78 4.96 6.91 15.94
C LYS E 78 4.66 8.23 15.24
N LEU E 79 5.52 8.60 14.30
CA LEU E 79 5.37 9.84 13.56
C LEU E 79 4.80 9.54 12.18
N ASN E 80 3.90 10.41 11.71
CA ASN E 80 3.37 10.27 10.36
C ASN E 80 4.45 10.63 9.34
N TYR E 81 4.20 10.29 8.08
CA TYR E 81 5.18 10.54 7.03
C TYR E 81 5.52 12.03 6.92
N LYS E 82 4.57 12.90 7.28
CA LYS E 82 4.80 14.33 7.14
C LYS E 82 5.83 14.79 8.15
N HIS E 83 5.72 14.34 9.40
CA HIS E 83 6.71 14.72 10.41
C HIS E 83 8.08 14.10 10.10
N ILE E 84 8.10 12.84 9.68
CA ILE E 84 9.37 12.22 9.30
C ILE E 84 10.04 13.03 8.19
N SER E 85 9.29 13.33 7.13
CA SER E 85 9.82 14.13 6.04
C SER E 85 10.33 15.46 6.56
N GLU E 86 9.53 16.09 7.42
CA GLU E 86 9.89 17.39 7.96
C GLU E 86 11.17 17.28 8.78
N TYR E 87 11.31 16.20 9.56
CA TYR E 87 12.51 16.05 10.37
C TYR E 87 13.75 15.92 9.50
N ILE E 88 13.68 15.09 8.46
CA ILE E 88 14.85 14.79 7.66
C ILE E 88 15.32 16.04 6.93
N VAL E 89 14.39 16.80 6.35
CA VAL E 89 14.81 17.94 5.53
C VAL E 89 15.34 19.06 6.40
N ASN E 90 14.84 19.20 7.62
CA ASN E 90 15.41 20.21 8.51
C ASN E 90 16.82 19.83 8.94
N GLU E 91 17.06 18.53 9.18
CA GLU E 91 18.39 18.10 9.58
C GLU E 91 19.40 18.27 8.46
N ILE E 92 18.95 18.09 7.20
CA ILE E 92 19.85 18.21 6.06
C ILE E 92 20.28 19.66 5.86
N GLU E 93 19.31 20.56 5.73
CA GLU E 93 19.63 21.95 5.35
C GLU E 93 20.50 22.62 6.39
N TYR E 94 20.29 22.32 7.67
CA TYR E 94 21.03 22.97 8.75
C TYR E 94 21.71 21.95 9.65
N ASP F 13 47.48 -8.95 4.69
CA ASP F 13 46.19 -8.38 5.04
C ASP F 13 46.36 -6.91 5.46
N PRO F 14 46.04 -5.98 4.56
CA PRO F 14 46.22 -4.56 4.89
C PRO F 14 45.19 -4.10 5.90
N VAL F 15 45.53 -2.99 6.57
CA VAL F 15 44.63 -2.34 7.51
C VAL F 15 43.77 -1.33 6.74
N HIS F 16 42.46 -1.46 6.85
CA HIS F 16 41.51 -0.52 6.26
C HIS F 16 40.86 0.30 7.36
N PHE F 17 40.72 1.61 7.12
CA PHE F 17 40.17 2.53 8.10
C PHE F 17 38.79 3.02 7.65
N TYR F 18 37.87 3.10 8.60
CA TYR F 18 36.52 3.58 8.37
C TYR F 18 36.15 4.59 9.44
N GLU F 19 35.53 5.70 9.03
CA GLU F 19 35.14 6.75 9.96
C GLU F 19 33.81 7.37 9.53
N THR F 20 33.06 7.83 10.52
CA THR F 20 31.81 8.56 10.30
C THR F 20 31.39 9.17 11.62
N SER F 21 30.32 9.94 11.59
CA SER F 21 29.73 10.52 12.78
C SER F 21 28.23 10.70 12.55
N TYR F 22 27.47 10.71 13.64
CA TYR F 22 26.02 10.91 13.57
C TYR F 22 25.59 11.67 14.81
N LYS F 23 24.34 12.16 14.77
CA LYS F 23 23.73 12.88 15.88
C LYS F 23 22.42 12.19 16.23
N TYR F 24 22.21 11.95 17.53
CA TYR F 24 21.05 11.25 18.04
C TYR F 24 20.22 12.19 18.91
N GLN F 25 18.93 12.28 18.62
CA GLN F 25 18.00 13.08 19.39
C GLN F 25 17.15 12.16 20.27
N ALA F 26 17.26 12.34 21.58
CA ALA F 26 16.59 11.46 22.53
C ALA F 26 15.08 11.47 22.33
N ALA F 27 14.44 10.34 22.66
CA ALA F 27 12.99 10.24 22.55
C ALA F 27 12.30 11.29 23.39
N ASP F 28 12.78 11.50 24.62
CA ASP F 28 12.26 12.59 25.45
C ASP F 28 12.71 13.96 24.97
N SER F 29 13.65 14.01 24.02
CA SER F 29 14.16 15.23 23.40
C SER F 29 14.93 16.11 24.37
N THR F 30 15.14 15.66 25.60
CA THR F 30 15.85 16.49 26.56
C THR F 30 17.34 16.56 26.23
N TYR F 31 17.94 15.43 25.87
CA TYR F 31 19.38 15.35 25.65
C TYR F 31 19.67 14.88 24.23
N MET F 32 20.87 15.21 23.78
CA MET F 32 21.35 14.85 22.44
C MET F 32 22.72 14.22 22.53
N HIS F 33 22.97 13.21 21.70
CA HIS F 33 24.26 12.54 21.60
C HIS F 33 24.90 12.87 20.25
N ASP F 34 26.10 13.42 20.29
CA ASP F 34 26.95 13.55 19.11
C ASP F 34 28.00 12.44 19.18
N VAL F 35 27.99 11.56 18.18
CA VAL F 35 28.75 10.32 18.21
C VAL F 35 29.72 10.26 17.03
N ALA F 36 30.97 9.89 17.33
CA ALA F 36 32.01 9.70 16.33
C ALA F 36 32.39 8.23 16.32
N ILE F 37 32.46 7.64 15.13
CA ILE F 37 32.80 6.24 14.96
C ILE F 37 34.09 6.13 14.16
N ASN F 38 35.06 5.39 14.71
CA ASN F 38 36.30 5.06 14.03
C ASN F 38 36.50 3.56 14.13
N VAL F 39 36.78 2.92 13.00
CA VAL F 39 36.96 1.48 12.94
C VAL F 39 38.08 1.17 11.96
N SER F 40 38.91 0.20 12.31
CA SER F 40 39.97 -0.30 11.45
C SER F 40 39.82 -1.80 11.37
N ILE F 41 40.03 -2.34 10.16
CA ILE F 41 39.89 -3.77 9.92
C ILE F 41 41.19 -4.29 9.31
N LYS F 42 41.64 -5.44 9.81
CA LYS F 42 42.81 -6.13 9.27
C LYS F 42 42.44 -7.60 9.16
N GLY F 43 42.35 -8.12 7.95
CA GLY F 43 41.83 -9.47 7.78
C GLY F 43 40.41 -9.52 8.30
N ASN F 44 40.11 -10.53 9.12
CA ASN F 44 38.82 -10.66 9.76
C ASN F 44 38.83 -10.08 11.18
N HIS F 45 39.80 -9.24 11.50
CA HIS F 45 39.92 -8.61 12.81
C HIS F 45 39.64 -7.12 12.70
N PHE F 46 38.97 -6.57 13.71
CA PHE F 46 38.64 -5.15 13.73
C PHE F 46 38.99 -4.56 15.09
N THR F 47 39.10 -3.23 15.12
CA THR F 47 39.24 -2.45 16.33
C THR F 47 38.39 -1.19 16.16
N SER F 48 37.44 -0.99 17.07
CA SER F 48 36.49 0.11 16.97
C SER F 48 36.60 1.00 18.19
N ASP F 49 36.61 2.31 17.96
CA ASP F 49 36.57 3.31 19.02
C ASP F 49 35.41 4.26 18.74
N ILE F 50 34.51 4.39 19.72
CA ILE F 50 33.31 5.20 19.57
C ILE F 50 33.36 6.31 20.61
N ILE F 51 33.30 7.55 20.13
CA ILE F 51 33.28 8.73 21.00
C ILE F 51 31.84 9.22 21.05
N ILE F 52 31.29 9.33 22.26
CA ILE F 52 29.92 9.74 22.47
C ILE F 52 29.95 10.99 23.35
N ARG F 53 29.53 12.12 22.79
CA ARG F 53 29.49 13.38 23.51
C ARG F 53 28.02 13.68 23.86
N GLU F 54 27.68 13.54 25.14
CA GLU F 54 26.33 13.83 25.61
C GLU F 54 26.17 15.33 25.82
N LEU F 55 24.99 15.84 25.50
CA LEU F 55 24.76 17.27 25.52
C LEU F 55 23.31 17.55 25.88
N VAL F 56 23.11 18.57 26.72
CA VAL F 56 21.77 18.97 27.17
C VAL F 56 21.69 20.48 27.13
N LYS F 57 20.69 21.02 26.44
CA LYS F 57 20.43 22.46 26.39
C LYS F 57 21.73 23.23 26.15
N SER F 58 22.44 22.86 25.10
CA SER F 58 23.71 23.48 24.73
C SER F 58 24.73 23.41 25.87
N GLU F 59 24.66 22.34 26.67
CA GLU F 59 25.64 22.09 27.72
C GLU F 59 26.26 20.73 27.47
N ASN F 60 27.56 20.70 27.17
CA ASN F 60 28.31 19.45 27.21
C ASN F 60 28.25 18.89 28.62
N LYS F 61 27.53 17.79 28.83
CA LYS F 61 27.49 17.16 30.14
C LYS F 61 28.54 16.07 30.23
N ASN F 62 28.16 14.84 29.92
CA ASN F 62 29.04 13.69 30.04
C ASN F 62 29.70 13.37 28.71
N TYR F 63 30.85 12.69 28.81
CA TYR F 63 31.58 12.16 27.65
C TYR F 63 31.76 10.67 27.83
N TYR F 64 31.62 9.92 26.75
CA TYR F 64 31.86 8.47 26.79
C TYR F 64 32.79 8.09 25.65
N ASN F 65 33.64 7.10 25.92
CA ASN F 65 34.69 6.68 24.98
C ASN F 65 34.73 5.15 25.05
N VAL F 66 34.04 4.50 24.11
CA VAL F 66 33.93 3.05 24.10
C VAL F 66 35.02 2.48 23.22
N ILE F 67 35.69 1.44 23.71
CA ILE F 67 36.78 0.78 22.99
C ILE F 67 36.38 -0.69 22.86
N GLY F 68 36.36 -1.18 21.63
CA GLY F 68 36.02 -2.57 21.39
C GLY F 68 36.91 -3.18 20.32
N HIS F 69 37.08 -4.49 20.40
CA HIS F 69 37.86 -5.22 19.41
C HIS F 69 37.34 -6.64 19.35
N GLY F 70 37.49 -7.27 18.19
CA GLY F 70 37.05 -8.64 18.01
C GLY F 70 37.17 -9.06 16.55
N ASP F 71 36.39 -10.08 16.18
CA ASP F 71 36.36 -10.58 14.82
C ASP F 71 35.07 -10.17 14.11
N ILE F 72 35.19 -9.93 12.81
CA ILE F 72 34.06 -9.60 11.96
C ILE F 72 33.85 -10.77 11.00
N ILE F 73 32.80 -11.56 11.24
CA ILE F 73 32.57 -12.81 10.52
C ILE F 73 31.59 -12.54 9.37
N GLN F 74 31.97 -12.97 8.18
CA GLN F 74 31.16 -12.82 6.99
C GLN F 74 30.21 -14.00 6.86
N LYS F 75 28.91 -13.72 6.97
CA LYS F 75 27.86 -14.74 6.93
C LYS F 75 27.33 -14.97 5.52
N ASN F 76 27.18 -13.91 4.73
CA ASN F 76 26.86 -13.98 3.31
C ASN F 76 27.69 -12.92 2.59
N THR F 77 27.47 -12.81 1.29
CA THR F 77 28.26 -11.87 0.50
C THR F 77 28.35 -10.49 1.14
N HIS F 78 27.23 -9.96 1.65
CA HIS F 78 27.21 -8.63 2.24
C HIS F 78 26.56 -8.62 3.62
N GLN F 79 26.62 -9.73 4.34
CA GLN F 79 26.09 -9.83 5.69
C GLN F 79 27.21 -10.23 6.63
N TYR F 80 27.51 -9.37 7.59
CA TYR F 80 28.57 -9.59 8.57
C TYR F 80 27.98 -9.54 9.97
N TYR F 81 28.70 -10.13 10.93
CA TYR F 81 28.33 -9.96 12.32
C TYR F 81 29.60 -9.92 13.16
N LEU F 82 29.55 -9.15 14.25
CA LEU F 82 30.73 -8.89 15.06
C LEU F 82 30.76 -9.79 16.30
N ASN F 83 31.89 -10.47 16.49
CA ASN F 83 32.15 -11.26 17.69
C ASN F 83 33.15 -10.47 18.51
N PHE F 84 32.66 -9.78 19.54
CA PHE F 84 33.51 -8.92 20.36
C PHE F 84 34.36 -9.75 21.32
N ASP F 85 35.68 -9.48 21.33
CA ASP F 85 36.54 -10.09 22.33
C ASP F 85 36.46 -9.33 23.66
N ASN F 86 36.35 -8.00 23.60
CA ASN F 86 36.24 -7.19 24.80
C ASN F 86 35.78 -5.79 24.43
N ILE F 87 34.95 -5.20 25.28
CA ILE F 87 34.55 -3.81 25.17
C ILE F 87 34.76 -3.15 26.53
N ASP F 88 35.39 -1.98 26.52
CA ASP F 88 35.64 -1.21 27.73
C ASP F 88 35.08 0.19 27.53
N VAL F 89 34.51 0.74 28.61
CA VAL F 89 33.89 2.05 28.59
C VAL F 89 34.67 3.01 29.49
N TYR F 90 34.84 4.23 29.00
CA TYR F 90 35.40 5.33 29.78
C TYR F 90 34.37 6.45 29.79
N THR F 91 34.28 7.17 30.91
CA THR F 91 33.36 8.29 31.00
C THR F 91 34.03 9.45 31.73
N GLY F 92 33.52 10.64 31.47
CA GLY F 92 34.03 11.85 32.11
C GLY F 92 33.28 13.06 31.61
N THR F 93 33.43 14.15 32.35
CA THR F 93 32.87 15.44 31.96
C THR F 93 33.89 16.29 31.21
N ASN F 94 34.97 15.68 30.73
CA ASN F 94 36.05 16.39 30.05
C ASN F 94 36.92 15.36 29.36
N LYS F 95 37.00 15.42 28.02
CA LYS F 95 37.72 14.40 27.26
C LYS F 95 39.05 14.02 27.92
N ALA F 96 39.84 15.01 28.31
CA ALA F 96 41.13 14.73 28.91
C ALA F 96 41.05 14.22 30.34
N ASN F 97 39.89 14.34 30.99
CA ASN F 97 39.72 13.92 32.37
C ASN F 97 38.94 12.62 32.49
N MET F 98 38.77 11.88 31.41
CA MET F 98 37.96 10.66 31.45
C MET F 98 38.70 9.57 32.19
N LYS F 99 37.92 8.71 32.84
CA LYS F 99 38.44 7.62 33.65
C LYS F 99 37.64 6.36 33.38
N PRO F 100 38.18 5.18 33.66
CA PRO F 100 37.45 3.94 33.40
C PRO F 100 36.12 3.91 34.14
N TYR F 101 35.14 3.28 33.52
CA TYR F 101 33.79 3.17 34.06
C TYR F 101 33.23 1.80 33.72
N LYS F 102 32.46 1.24 34.65
CA LYS F 102 31.93 -0.11 34.47
C LYS F 102 31.09 -0.19 33.20
N GLU F 103 30.99 -1.41 32.66
CA GLU F 103 30.26 -1.63 31.42
C GLU F 103 28.83 -2.05 31.74
N PRO F 104 27.81 -1.30 31.28
CA PRO F 104 26.42 -1.67 31.60
C PRO F 104 25.90 -2.80 30.72
N THR F 105 24.60 -3.09 30.84
CA THR F 105 23.99 -4.16 30.04
C THR F 105 24.09 -3.86 28.55
N SER F 106 23.99 -2.59 28.16
CA SER F 106 24.07 -2.24 26.74
C SER F 106 25.39 -2.67 26.14
N ILE F 107 26.44 -2.78 26.95
CA ILE F 107 27.75 -3.22 26.47
C ILE F 107 27.90 -4.73 26.65
N SER F 108 27.61 -5.23 27.86
CA SER F 108 27.83 -6.65 28.13
C SER F 108 26.98 -7.53 27.23
N SER F 109 25.75 -7.10 26.95
CA SER F 109 24.87 -7.92 26.11
C SER F 109 25.47 -8.13 24.71
N LEU F 110 26.20 -7.13 24.20
CA LEU F 110 26.81 -7.28 22.88
C LEU F 110 27.70 -8.52 22.81
N ILE F 111 28.45 -8.78 23.88
CA ILE F 111 29.26 -9.99 23.92
C ILE F 111 28.35 -11.20 23.90
N ASN F 112 28.74 -12.21 23.13
CA ASN F 112 27.94 -13.43 22.96
C ASN F 112 26.55 -13.08 22.43
N LYS F 113 26.50 -12.22 21.43
CA LYS F 113 25.27 -11.85 20.75
C LYS F 113 25.57 -11.69 19.26
N SER F 114 24.50 -11.56 18.48
CA SER F 114 24.65 -11.58 17.02
C SER F 114 25.46 -10.38 16.53
N ASN F 115 24.94 -9.17 16.74
CA ASN F 115 25.60 -7.95 16.28
C ASN F 115 25.73 -7.96 14.75
N ASN F 116 24.58 -7.99 14.09
CA ASN F 116 24.55 -8.10 12.64
C ASN F 116 24.86 -6.76 11.97
N ILE F 117 25.53 -6.84 10.83
CA ILE F 117 25.82 -5.69 9.97
C ILE F 117 25.48 -6.12 8.56
N ARG F 118 24.67 -5.33 7.87
CA ARG F 118 24.29 -5.57 6.50
C ARG F 118 24.79 -4.41 5.63
N VAL F 119 25.65 -4.72 4.67
CA VAL F 119 26.09 -3.74 3.70
C VAL F 119 25.02 -3.62 2.62
N VAL F 120 24.46 -2.42 2.47
CA VAL F 120 23.44 -2.16 1.44
C VAL F 120 24.03 -1.44 0.23
N TYR F 121 25.21 -0.85 0.38
CA TYR F 121 25.90 -0.27 -0.77
C TYR F 121 27.39 -0.20 -0.45
N LEU F 122 28.22 -0.50 -1.45
CA LEU F 122 29.67 -0.51 -1.28
C LEU F 122 30.29 0.16 -2.50
N SER F 123 31.22 1.08 -2.26
CA SER F 123 31.95 1.73 -3.34
C SER F 123 33.38 1.96 -2.88
N GLU F 124 34.15 2.68 -3.71
CA GLU F 124 35.54 2.96 -3.37
C GLU F 124 35.66 3.90 -2.18
N GLU F 125 34.81 4.91 -2.13
CA GLU F 125 34.95 5.99 -1.16
C GLU F 125 34.20 5.72 0.14
N TYR F 126 33.09 4.99 0.10
CA TYR F 126 32.30 4.80 1.32
C TYR F 126 31.52 3.49 1.23
N VAL F 127 30.93 3.13 2.37
CA VAL F 127 30.08 1.94 2.51
C VAL F 127 28.86 2.37 3.30
N VAL F 128 27.69 1.88 2.90
CA VAL F 128 26.44 2.14 3.60
C VAL F 128 25.98 0.83 4.24
N VAL F 129 25.65 0.88 5.53
CA VAL F 129 25.28 -0.32 6.27
C VAL F 129 24.04 -0.07 7.13
N GLU F 130 23.24 -1.11 7.28
CA GLU F 130 22.36 -1.27 8.43
C GLU F 130 23.11 -2.02 9.53
N PHE F 131 23.18 -1.42 10.74
CA PHE F 131 23.89 -2.09 11.83
C PHE F 131 23.09 -1.99 13.12
N PHE F 132 23.68 -2.46 14.21
CA PHE F 132 22.92 -2.88 15.38
C PHE F 132 22.72 -1.80 16.44
N PHE F 133 23.26 -0.61 16.26
CA PHE F 133 22.96 0.45 17.20
C PHE F 133 21.45 0.71 17.26
N TYR F 134 20.97 1.02 18.45
CA TYR F 134 19.56 1.37 18.68
C TYR F 134 18.62 0.30 18.13
N ASP F 135 19.10 -0.95 18.11
CA ASP F 135 18.37 -2.07 17.53
C ASP F 135 18.10 -1.88 16.04
N GLY F 136 18.85 -0.98 15.38
CA GLY F 136 18.69 -0.75 13.97
C GLY F 136 18.96 0.68 13.54
N GLN F 137 20.01 0.86 12.75
CA GLN F 137 20.39 2.18 12.28
C GLN F 137 21.06 2.06 10.91
N ILE F 138 20.78 3.03 10.05
CA ILE F 138 21.45 3.14 8.75
C ILE F 138 22.44 4.30 8.81
N ILE F 139 23.62 4.10 8.25
CA ILE F 139 24.69 5.08 8.33
C ILE F 139 25.67 4.85 7.18
N THR F 140 26.39 5.88 6.80
CA THR F 140 27.43 5.79 5.78
C THR F 140 28.77 5.88 6.48
N LEU F 141 29.69 4.98 6.13
CA LEU F 141 31.05 4.96 6.68
C LEU F 141 32.04 5.25 5.56
N HIS F 142 32.88 6.24 5.76
CA HIS F 142 33.80 6.69 4.74
C HIS F 142 35.14 5.97 4.88
N ARG F 143 35.70 5.58 3.75
CA ARG F 143 36.88 4.72 3.71
C ARG F 143 38.15 5.56 3.66
N TYR F 144 39.21 5.03 4.26
CA TYR F 144 40.52 5.65 4.23
C TYR F 144 41.65 4.61 4.13
N ASP G 6 -1.64 43.13 16.16
CA ASP G 6 -2.47 43.44 15.00
C ASP G 6 -3.72 42.58 14.97
N TYR G 7 -3.64 41.39 15.58
CA TYR G 7 -4.82 40.54 15.76
C TYR G 7 -5.68 41.09 16.89
N PRO G 8 -6.96 40.70 16.94
CA PRO G 8 -7.83 41.14 18.06
C PRO G 8 -7.30 40.61 19.39
N SER G 9 -7.67 41.32 20.44
CA SER G 9 -7.25 41.01 21.80
C SER G 9 -8.39 40.39 22.60
N LEU G 10 -8.01 39.74 23.69
CA LEU G 10 -8.98 39.10 24.57
C LEU G 10 -10.02 40.11 25.03
N SER G 11 -11.30 39.74 24.88
CA SER G 11 -12.41 40.61 25.22
C SER G 11 -13.47 39.95 26.09
N PHE G 12 -13.37 38.66 26.37
CA PHE G 12 -14.25 38.02 27.35
C PHE G 12 -13.54 36.77 27.84
N GLN G 13 -13.45 36.61 29.15
CA GLN G 13 -12.76 35.45 29.74
C GLN G 13 -13.45 35.12 31.05
N GLN G 14 -14.23 34.03 31.06
CA GLN G 14 -14.88 33.54 32.27
C GLN G 14 -14.80 32.02 32.27
N ASP G 15 -14.22 31.46 33.32
CA ASP G 15 -14.06 30.01 33.47
C ASP G 15 -13.23 29.52 32.29
N TYR G 16 -13.76 28.67 31.40
CA TYR G 16 -12.98 28.08 30.32
C TYR G 16 -13.08 28.85 29.02
N VAL G 17 -13.98 29.83 28.92
CA VAL G 17 -14.21 30.52 27.65
C VAL G 17 -13.18 31.61 27.45
N TYR G 18 -12.57 31.64 26.27
CA TYR G 18 -11.65 32.69 25.86
C TYR G 18 -12.11 33.20 24.50
N ILE G 19 -12.48 34.48 24.44
CA ILE G 19 -13.01 35.08 23.22
C ILE G 19 -12.14 36.26 22.82
N PHE G 20 -11.78 36.32 21.54
CA PHE G 20 -10.95 37.40 20.99
C PHE G 20 -11.74 38.12 19.91
N SER G 21 -11.91 39.43 20.06
CA SER G 21 -12.66 40.23 19.09
C SER G 21 -12.50 41.70 19.39
N SER G 22 -12.92 42.53 18.42
CA SER G 22 -12.97 43.97 18.57
C SER G 22 -14.36 44.47 18.94
N ASP G 23 -15.29 43.55 19.21
CA ASP G 23 -16.67 43.88 19.57
C ASP G 23 -16.91 43.29 20.96
N PHE G 24 -16.84 44.13 21.99
CA PHE G 24 -16.91 43.66 23.36
C PHE G 24 -18.31 43.23 23.77
N GLN G 25 -19.35 43.86 23.22
CA GLN G 25 -20.71 43.44 23.56
C GLN G 25 -21.00 42.04 23.00
N LEU G 26 -20.69 41.83 21.72
CA LEU G 26 -20.90 40.52 21.11
C LEU G 26 -20.20 39.43 21.90
N SER G 27 -19.02 39.73 22.47
CA SER G 27 -18.29 38.72 23.23
C SER G 27 -19.00 38.38 24.52
N GLU G 28 -19.53 39.39 25.22
CA GLU G 28 -20.19 39.14 26.50
C GLU G 28 -21.40 38.24 26.33
N GLU G 29 -22.34 38.63 25.47
CA GLU G 29 -23.53 37.80 25.29
C GLU G 29 -23.18 36.48 24.63
N LEU G 30 -22.14 36.44 23.79
CA LEU G 30 -21.69 35.15 23.29
C LEU G 30 -21.12 34.30 24.41
N GLY G 31 -20.19 34.86 25.19
CA GLY G 31 -19.62 34.12 26.30
C GLY G 31 -20.67 33.54 27.22
N VAL G 32 -21.65 34.36 27.60
CA VAL G 32 -22.70 33.89 28.49
C VAL G 32 -23.55 32.85 27.79
N ALA G 33 -23.87 33.08 26.51
CA ALA G 33 -24.62 32.08 25.74
C ALA G 33 -23.88 30.75 25.70
N LEU G 34 -22.57 30.78 25.41
CA LEU G 34 -21.79 29.55 25.36
C LEU G 34 -21.80 28.85 26.71
N ILE G 35 -21.44 29.58 27.77
CA ILE G 35 -21.39 28.98 29.11
C ILE G 35 -22.74 28.39 29.48
N ASN G 36 -23.83 29.01 29.03
CA ASN G 36 -25.15 28.48 29.34
C ASN G 36 -25.51 27.30 28.43
N ALA G 37 -25.15 27.38 27.15
CA ALA G 37 -25.51 26.32 26.22
C ALA G 37 -24.79 25.02 26.54
N LEU G 38 -23.53 25.10 26.97
CA LEU G 38 -22.81 23.88 27.32
C LEU G 38 -23.40 23.20 28.54
N SER G 39 -23.90 23.99 29.50
CA SER G 39 -24.57 23.39 30.66
C SER G 39 -25.82 22.62 30.25
N ALA G 40 -26.48 23.04 29.17
CA ALA G 40 -27.70 22.38 28.74
C ALA G 40 -27.42 20.99 28.16
N LYS G 41 -26.22 20.78 27.62
CA LYS G 41 -25.85 19.48 27.06
C LYS G 41 -24.95 18.66 27.97
N GLU G 42 -24.67 19.14 29.18
CA GLU G 42 -23.81 18.43 30.14
C GLU G 42 -22.43 18.17 29.54
N ILE G 43 -21.74 19.27 29.23
CA ILE G 43 -20.45 19.22 28.55
C ILE G 43 -19.55 20.28 29.17
N VAL G 44 -18.39 19.85 29.67
CA VAL G 44 -17.47 20.74 30.35
C VAL G 44 -16.09 20.63 29.69
N PRO G 45 -15.63 21.65 28.97
CA PRO G 45 -14.32 21.58 28.34
C PRO G 45 -13.18 21.97 29.28
N GLU G 46 -11.98 21.55 28.90
CA GLU G 46 -10.78 22.04 29.55
C GLU G 46 -10.55 23.51 29.21
N ARG G 47 -10.67 23.86 27.93
CA ARG G 47 -10.64 25.24 27.49
C ARG G 47 -11.45 25.35 26.21
N LEU G 48 -11.92 26.57 25.90
CA LEU G 48 -12.71 26.84 24.71
C LEU G 48 -12.31 28.22 24.18
N TYR G 49 -11.53 28.23 23.12
CA TYR G 49 -11.06 29.47 22.50
C TYR G 49 -11.97 29.82 21.33
N VAL G 50 -12.23 31.11 21.16
CA VAL G 50 -13.10 31.61 20.12
C VAL G 50 -12.47 32.88 19.56
N MET G 51 -12.38 32.97 18.24
CA MET G 51 -11.93 34.15 17.54
C MET G 51 -13.06 34.64 16.65
N LEU G 52 -13.37 35.93 16.72
CA LEU G 52 -14.42 36.55 15.91
C LEU G 52 -13.80 37.70 15.11
N ASN G 53 -13.68 37.51 13.81
CA ASN G 53 -13.23 38.56 12.91
C ASN G 53 -14.45 39.13 12.19
N ASP G 54 -14.21 39.90 11.14
CA ASP G 54 -15.32 40.50 10.39
C ASP G 54 -15.98 39.47 9.48
N LYS G 55 -15.20 38.81 8.63
CA LYS G 55 -15.73 37.90 7.63
C LYS G 55 -15.44 36.44 7.96
N THR G 56 -15.07 36.14 9.20
CA THR G 56 -14.79 34.76 9.55
C THR G 56 -14.94 34.53 11.05
N ILE G 57 -15.27 33.30 11.42
CA ILE G 57 -15.37 32.88 12.81
C ILE G 57 -14.61 31.56 12.95
N SER G 58 -13.98 31.36 14.11
CA SER G 58 -13.25 30.12 14.35
C SER G 58 -13.19 29.87 15.84
N PHE G 59 -13.04 28.59 16.20
CA PHE G 59 -12.95 28.23 17.61
C PHE G 59 -12.16 26.93 17.76
N SER G 60 -11.52 26.77 18.91
CA SER G 60 -10.81 25.55 19.26
C SER G 60 -11.31 25.09 20.62
N PHE G 61 -11.88 23.89 20.65
CA PHE G 61 -12.44 23.30 21.86
C PHE G 61 -11.46 22.23 22.33
N ILE G 62 -10.86 22.45 23.50
CA ILE G 62 -9.88 21.54 24.08
C ILE G 62 -10.58 20.74 25.17
N SER G 63 -10.56 19.42 25.03
CA SER G 63 -11.39 18.56 25.84
C SER G 63 -10.70 18.13 27.13
N LYS G 64 -11.46 17.40 27.97
CA LYS G 64 -10.89 16.86 29.21
C LYS G 64 -9.69 15.97 28.92
N ASN G 65 -9.74 15.23 27.81
CA ASN G 65 -8.64 14.35 27.41
C ASN G 65 -7.53 15.10 26.68
N LYS G 66 -7.52 16.42 26.72
CA LYS G 66 -6.54 17.25 26.01
C LYS G 66 -6.60 17.05 24.50
N LYS G 67 -7.71 16.53 23.99
CA LYS G 67 -7.97 16.48 22.56
C LYS G 67 -8.44 17.86 22.09
N SER G 68 -8.61 18.00 20.78
CA SER G 68 -8.92 19.30 20.21
C SER G 68 -9.92 19.17 19.07
N LYS G 69 -10.87 20.10 19.01
CA LYS G 69 -11.81 20.25 17.91
C LYS G 69 -11.71 21.69 17.38
N ASN G 70 -11.28 21.84 16.12
CA ASN G 70 -11.00 23.14 15.55
C ASN G 70 -11.89 23.35 14.35
N ARG G 71 -12.54 24.52 14.29
CA ARG G 71 -13.53 24.80 13.26
C ARG G 71 -13.34 26.24 12.78
N VAL G 72 -13.75 26.47 11.53
CA VAL G 72 -13.80 27.81 10.95
C VAL G 72 -15.10 27.92 10.17
N LEU G 73 -15.72 29.10 10.22
CA LEU G 73 -16.97 29.35 9.53
C LEU G 73 -16.87 30.74 8.91
N SER G 74 -16.85 30.79 7.57
CA SER G 74 -16.88 32.06 6.88
C SER G 74 -18.32 32.55 6.77
N THR G 75 -18.47 33.86 6.54
CA THR G 75 -19.80 34.48 6.48
C THR G 75 -19.67 35.89 5.91
N GLU G 76 -20.66 36.28 5.10
CA GLU G 76 -20.67 37.62 4.54
C GLU G 76 -21.36 38.64 5.41
N LYS G 77 -22.40 38.23 6.15
CA LYS G 77 -23.11 39.11 7.06
C LYS G 77 -22.95 38.60 8.49
N LYS G 78 -22.78 39.53 9.42
CA LYS G 78 -22.49 39.15 10.81
C LYS G 78 -23.60 38.28 11.35
N LEU G 79 -23.21 37.22 12.04
CA LEU G 79 -24.15 36.34 12.74
C LEU G 79 -24.42 36.87 14.15
N ASN G 80 -25.66 36.76 14.60
CA ASN G 80 -25.99 37.17 15.96
C ASN G 80 -25.49 36.11 16.96
N TYR G 81 -25.29 36.55 18.20
CA TYR G 81 -24.60 35.73 19.18
C TYR G 81 -25.29 34.40 19.44
N LYS G 82 -26.62 34.34 19.31
CA LYS G 82 -27.32 33.08 19.50
C LYS G 82 -27.00 32.10 18.38
N HIS G 83 -26.79 32.60 17.15
CA HIS G 83 -26.43 31.72 16.05
C HIS G 83 -25.02 31.16 16.24
N ILE G 84 -24.05 32.03 16.54
CA ILE G 84 -22.67 31.58 16.75
C ILE G 84 -22.63 30.56 17.88
N SER G 85 -23.29 30.87 18.99
CA SER G 85 -23.37 29.92 20.09
C SER G 85 -24.02 28.63 19.63
N GLU G 86 -25.10 28.71 18.86
CA GLU G 86 -25.71 27.52 18.28
C GLU G 86 -24.70 26.78 17.41
N TYR G 87 -23.92 27.51 16.62
CA TYR G 87 -22.96 26.87 15.74
C TYR G 87 -21.88 26.17 16.53
N ILE G 88 -21.28 26.88 17.50
CA ILE G 88 -20.20 26.30 18.28
C ILE G 88 -20.67 25.07 19.03
N VAL G 89 -21.85 25.17 19.66
CA VAL G 89 -22.37 24.06 20.45
C VAL G 89 -22.71 22.88 19.53
N ASN G 90 -23.24 23.15 18.35
CA ASN G 90 -23.53 22.07 17.42
C ASN G 90 -22.25 21.37 16.96
N GLU G 91 -21.22 22.15 16.63
CA GLU G 91 -19.98 21.56 16.17
C GLU G 91 -19.27 20.78 17.27
N ILE G 92 -19.41 21.21 18.52
CA ILE G 92 -18.69 20.59 19.61
C ILE G 92 -19.22 19.18 19.85
N GLU G 93 -20.54 19.02 19.84
CA GLU G 93 -21.11 17.73 20.19
C GLU G 93 -21.14 16.72 19.04
N TYR G 94 -21.34 17.19 17.81
CA TYR G 94 -21.45 16.31 16.68
C TYR G 94 -20.38 16.59 15.64
N ASP H 13 20.10 22.19 18.53
CA ASP H 13 18.68 22.51 18.35
C ASP H 13 17.87 21.25 18.05
N PRO H 14 17.02 20.84 18.97
CA PRO H 14 16.19 19.66 18.72
C PRO H 14 14.97 19.99 17.86
N VAL H 15 14.47 18.97 17.18
CA VAL H 15 13.32 19.13 16.30
C VAL H 15 12.04 18.98 17.10
N HIS H 16 11.15 19.97 16.99
CA HIS H 16 9.85 19.94 17.65
C HIS H 16 8.79 19.70 16.57
N PHE H 17 7.82 18.83 16.87
CA PHE H 17 6.75 18.50 15.94
C PHE H 17 5.42 19.02 16.47
N TYR H 18 4.63 19.62 15.59
CA TYR H 18 3.30 20.12 15.92
C TYR H 18 2.31 19.64 14.87
N GLU H 19 1.09 19.34 15.31
CA GLU H 19 0.08 18.78 14.43
C GLU H 19 -1.29 19.21 14.90
N THR H 20 -2.19 19.40 13.93
CA THR H 20 -3.58 19.66 14.25
C THR H 20 -4.41 19.48 12.97
N SER H 21 -5.72 19.60 13.12
CA SER H 21 -6.64 19.58 11.99
C SER H 21 -7.83 20.49 12.31
N TYR H 22 -8.46 21.01 11.26
CA TYR H 22 -9.66 21.82 11.44
C TYR H 22 -10.59 21.61 10.25
N LYS H 23 -11.86 21.91 10.46
CA LYS H 23 -12.86 21.86 9.41
C LYS H 23 -13.35 23.27 9.15
N TYR H 24 -13.49 23.61 7.87
CA TYR H 24 -13.92 24.93 7.42
C TYR H 24 -15.23 24.79 6.63
N GLN H 25 -16.22 25.60 6.98
CA GLN H 25 -17.51 25.64 6.28
C GLN H 25 -17.60 26.94 5.51
N ALA H 26 -17.79 26.84 4.20
CA ALA H 26 -17.80 28.01 3.35
C ALA H 26 -19.08 28.81 3.54
N ALA H 27 -19.02 30.08 3.17
CA ALA H 27 -20.13 30.99 3.42
C ALA H 27 -21.43 30.52 2.77
N ASP H 28 -21.33 29.86 1.60
CA ASP H 28 -22.51 29.35 0.92
C ASP H 28 -22.92 27.96 1.39
N SER H 29 -22.16 27.36 2.30
CA SER H 29 -22.44 26.05 2.90
C SER H 29 -22.37 24.92 1.88
N THR H 30 -21.84 25.19 0.69
CA THR H 30 -21.76 24.15 -0.32
C THR H 30 -20.55 23.25 -0.11
N TYR H 31 -19.36 23.84 0.02
CA TYR H 31 -18.12 23.08 0.13
C TYR H 31 -17.53 23.26 1.50
N MET H 32 -17.05 22.15 2.08
CA MET H 32 -16.35 22.14 3.35
C MET H 32 -14.93 21.65 3.15
N HIS H 33 -13.99 22.17 3.95
CA HIS H 33 -12.59 21.81 3.86
C HIS H 33 -12.17 21.08 5.13
N ASP H 34 -11.59 19.90 4.97
CA ASP H 34 -10.92 19.20 6.06
C ASP H 34 -9.43 19.43 5.88
N VAL H 35 -8.82 20.17 6.81
CA VAL H 35 -7.45 20.65 6.68
C VAL H 35 -6.59 20.01 7.77
N ALA H 36 -5.56 19.29 7.34
CA ALA H 36 -4.57 18.74 8.26
C ALA H 36 -3.32 19.60 8.19
N ILE H 37 -2.79 19.97 9.35
CA ILE H 37 -1.58 20.79 9.45
C ILE H 37 -0.48 19.99 10.16
N ASN H 38 0.71 19.97 9.57
CA ASN H 38 1.89 19.39 10.18
C ASN H 38 3.05 20.37 10.05
N VAL H 39 3.67 20.70 11.16
CA VAL H 39 4.76 21.66 11.21
C VAL H 39 5.85 21.09 12.12
N SER H 40 7.10 21.15 11.67
CA SER H 40 8.24 20.81 12.51
C SER H 40 9.19 21.99 12.59
N ILE H 41 9.75 22.22 13.77
CA ILE H 41 10.65 23.34 14.02
C ILE H 41 11.98 22.80 14.53
N LYS H 42 13.06 23.33 13.97
CA LYS H 42 14.42 23.08 14.47
C LYS H 42 15.10 24.44 14.63
N GLY H 43 15.40 24.80 15.87
CA GLY H 43 15.96 26.12 16.10
C GLY H 43 14.94 27.18 15.72
N ASN H 44 15.31 28.05 14.78
CA ASN H 44 14.42 29.06 14.25
C ASN H 44 14.08 28.81 12.78
N HIS H 45 14.10 27.54 12.37
CA HIS H 45 13.69 27.12 11.04
C HIS H 45 12.52 26.15 11.16
N PHE H 46 11.67 26.13 10.13
CA PHE H 46 10.51 25.25 10.15
C PHE H 46 10.24 24.73 8.74
N THR H 47 9.57 23.57 8.69
CA THR H 47 8.99 23.04 7.46
C THR H 47 7.55 22.66 7.77
N SER H 48 6.62 23.03 6.89
CA SER H 48 5.20 22.83 7.11
C SER H 48 4.58 22.07 5.94
N ASP H 49 3.59 21.25 6.27
CA ASP H 49 2.88 20.44 5.27
C ASP H 49 1.39 20.53 5.56
N ILE H 50 0.63 21.13 4.65
CA ILE H 50 -0.79 21.32 4.81
C ILE H 50 -1.51 20.47 3.78
N ILE H 51 -2.41 19.61 4.25
CA ILE H 51 -3.25 18.79 3.39
C ILE H 51 -4.67 19.32 3.49
N ILE H 52 -5.24 19.72 2.35
CA ILE H 52 -6.60 20.23 2.29
C ILE H 52 -7.45 19.25 1.48
N ARG H 53 -8.50 18.73 2.11
CA ARG H 53 -9.44 17.79 1.50
C ARG H 53 -10.79 18.48 1.35
N GLU H 54 -11.17 18.78 0.11
CA GLU H 54 -12.43 19.46 -0.16
C GLU H 54 -13.58 18.45 -0.22
N LEU H 55 -14.68 18.78 0.45
CA LEU H 55 -15.84 17.90 0.52
C LEU H 55 -17.07 18.68 0.08
N VAL H 56 -17.93 18.04 -0.70
CA VAL H 56 -19.13 18.67 -1.23
C VAL H 56 -20.26 17.65 -1.09
N LYS H 57 -21.13 17.85 -0.10
CA LYS H 57 -22.26 16.97 0.17
C LYS H 57 -21.84 15.50 0.11
N SER H 58 -20.81 15.16 0.88
CA SER H 58 -20.28 13.84 1.15
C SER H 58 -19.31 13.35 0.06
N GLU H 59 -19.22 14.00 -1.09
CA GLU H 59 -18.25 13.63 -2.11
C GLU H 59 -16.95 14.39 -1.89
N ASN H 60 -15.83 13.67 -1.98
CA ASN H 60 -14.50 14.29 -1.84
C ASN H 60 -14.01 14.67 -3.22
N LYS H 61 -14.20 15.94 -3.58
CA LYS H 61 -13.98 16.37 -4.95
C LYS H 61 -12.50 16.61 -5.23
N ASN H 62 -11.86 17.46 -4.44
CA ASN H 62 -10.49 17.88 -4.70
C ASN H 62 -9.58 17.54 -3.53
N TYR H 63 -8.28 17.59 -3.80
CA TYR H 63 -7.24 17.46 -2.78
C TYR H 63 -6.16 18.51 -3.08
N TYR H 64 -5.65 19.14 -2.03
CA TYR H 64 -4.57 20.09 -2.17
C TYR H 64 -3.53 19.82 -1.09
N ASN H 65 -2.26 19.80 -1.48
CA ASN H 65 -1.14 19.56 -0.57
C ASN H 65 -0.17 20.71 -0.68
N VAL H 66 -0.09 21.53 0.38
CA VAL H 66 0.79 22.69 0.42
C VAL H 66 1.99 22.37 1.31
N ILE H 67 3.19 22.60 0.79
CA ILE H 67 4.42 22.42 1.56
C ILE H 67 5.18 23.73 1.55
N GLY H 68 5.60 24.16 2.72
CA GLY H 68 6.36 25.40 2.85
C GLY H 68 7.42 25.27 3.92
N HIS H 69 8.49 26.06 3.76
CA HIS H 69 9.58 26.05 4.72
C HIS H 69 10.17 27.45 4.80
N GLY H 70 10.77 27.74 5.95
CA GLY H 70 11.34 29.06 6.17
C GLY H 70 11.85 29.20 7.59
N ASP H 71 11.91 30.44 8.05
CA ASP H 71 12.39 30.75 9.39
C ASP H 71 11.24 31.23 10.27
N ILE H 72 11.29 30.89 11.54
CA ILE H 72 10.32 31.34 12.53
C ILE H 72 11.05 32.23 13.54
N ILE H 73 10.65 33.49 13.60
CA ILE H 73 11.37 34.52 14.35
C ILE H 73 10.53 34.85 15.58
N GLN H 74 11.12 34.66 16.76
CA GLN H 74 10.44 35.00 18.01
C GLN H 74 10.73 36.45 18.38
N LYS H 75 9.67 37.21 18.68
CA LYS H 75 9.81 38.58 19.15
C LYS H 75 9.60 38.62 20.66
N ASN H 76 8.36 38.44 21.10
CA ASN H 76 8.05 38.35 22.52
C ASN H 76 7.88 36.90 22.93
N THR H 77 7.63 36.67 24.22
CA THR H 77 7.38 35.32 24.70
C THR H 77 6.12 34.72 24.08
N HIS H 78 5.24 35.55 23.53
CA HIS H 78 3.98 35.10 22.97
C HIS H 78 3.75 35.73 21.61
N GLN H 79 4.81 35.90 20.82
CA GLN H 79 4.70 36.53 19.52
C GLN H 79 5.83 36.06 18.62
N TYR H 80 5.49 35.52 17.46
CA TYR H 80 6.45 35.02 16.48
C TYR H 80 6.07 35.52 15.10
N TYR H 81 6.94 35.25 14.13
CA TYR H 81 6.66 35.53 12.73
C TYR H 81 7.13 34.37 11.89
N LEU H 82 6.48 34.16 10.73
CA LEU H 82 6.85 33.12 9.78
C LEU H 82 7.23 33.80 8.46
N ASN H 83 8.52 33.76 8.13
CA ASN H 83 9.03 34.27 6.86
C ASN H 83 9.38 33.07 6.00
N PHE H 84 8.59 32.83 4.96
CA PHE H 84 8.78 31.65 4.13
C PHE H 84 9.93 31.83 3.14
N ASP H 85 10.63 30.73 2.86
CA ASP H 85 11.61 30.68 1.78
C ASP H 85 10.98 30.25 0.48
N ASN H 86 9.94 29.43 0.53
CA ASN H 86 9.28 28.91 -0.65
C ASN H 86 8.03 28.12 -0.25
N ILE H 87 7.01 28.13 -1.11
CA ILE H 87 5.81 27.33 -0.92
C ILE H 87 5.48 26.67 -2.25
N ASP H 88 5.10 25.39 -2.19
CA ASP H 88 4.73 24.62 -3.36
C ASP H 88 3.35 24.02 -3.14
N VAL H 89 2.53 24.05 -4.18
CA VAL H 89 1.17 23.54 -4.12
C VAL H 89 1.03 22.36 -5.08
N TYR H 90 0.34 21.32 -4.63
CA TYR H 90 0.04 20.15 -5.44
C TYR H 90 -1.45 19.87 -5.35
N THR H 91 -2.07 19.57 -6.47
CA THR H 91 -3.50 19.30 -6.53
C THR H 91 -3.75 17.95 -7.19
N GLY H 92 -4.97 17.44 -6.98
CA GLY H 92 -5.38 16.18 -7.54
C GLY H 92 -6.74 15.79 -7.00
N THR H 93 -7.60 15.23 -7.85
CA THR H 93 -8.92 14.80 -7.41
C THR H 93 -8.90 13.44 -6.72
N ASN H 94 -7.71 12.96 -6.37
CA ASN H 94 -7.53 11.71 -5.65
C ASN H 94 -6.06 11.56 -5.31
N LYS H 95 -5.77 11.12 -4.09
CA LYS H 95 -4.38 11.08 -3.64
C LYS H 95 -3.50 10.17 -4.47
N ALA H 96 -4.08 9.29 -5.29
CA ALA H 96 -3.29 8.37 -6.10
C ALA H 96 -2.19 9.11 -6.86
N ASN H 97 -2.59 10.08 -7.68
CA ASN H 97 -1.65 10.86 -8.50
C ASN H 97 -2.03 12.33 -8.39
N MET H 98 -1.18 13.10 -7.72
CA MET H 98 -1.34 14.55 -7.59
C MET H 98 -0.31 15.26 -8.46
N LYS H 99 -0.61 16.49 -8.82
CA LYS H 99 0.16 17.24 -9.79
C LYS H 99 0.51 18.62 -9.23
N PRO H 100 1.61 19.23 -9.69
CA PRO H 100 1.90 20.61 -9.29
C PRO H 100 0.82 21.56 -9.78
N TYR H 101 0.86 22.79 -9.27
CA TYR H 101 -0.24 23.72 -9.51
C TYR H 101 0.26 25.14 -9.34
N LYS H 102 -0.34 26.05 -10.11
CA LYS H 102 0.09 27.44 -10.13
C LYS H 102 -0.06 28.07 -8.75
N GLU H 103 1.05 28.60 -8.23
CA GLU H 103 1.05 29.30 -6.95
C GLU H 103 0.02 30.44 -6.97
N PRO H 104 -1.10 30.31 -6.25
CA PRO H 104 -2.10 31.38 -6.28
C PRO H 104 -1.61 32.65 -5.60
N THR H 105 -2.47 33.67 -5.55
CA THR H 105 -2.10 34.92 -4.90
C THR H 105 -2.08 34.78 -3.38
N SER H 106 -2.93 33.91 -2.82
CA SER H 106 -2.93 33.71 -1.38
C SER H 106 -1.65 33.01 -0.92
N ILE H 107 -1.02 32.22 -1.80
CA ILE H 107 0.26 31.61 -1.46
C ILE H 107 1.39 32.60 -1.67
N SER H 108 1.42 33.24 -2.85
CA SER H 108 2.52 34.14 -3.18
C SER H 108 2.66 35.27 -2.18
N SER H 109 1.56 35.73 -1.59
CA SER H 109 1.61 36.83 -0.64
C SER H 109 2.24 36.43 0.70
N LEU H 110 2.71 35.20 0.83
CA LEU H 110 3.37 34.75 2.04
C LEU H 110 4.88 34.56 1.88
N ILE H 111 5.36 34.39 0.64
CA ILE H 111 6.78 34.20 0.41
C ILE H 111 7.52 35.52 0.60
N ASN H 112 8.60 35.49 1.37
CA ASN H 112 9.38 36.69 1.67
C ASN H 112 8.48 37.80 2.23
N LYS H 113 7.75 37.48 3.28
CA LYS H 113 6.86 38.43 3.92
C LYS H 113 6.50 37.88 5.30
N SER H 114 6.78 38.66 6.34
CA SER H 114 6.53 38.19 7.70
C SER H 114 5.06 37.91 7.91
N ASN H 115 4.78 36.87 8.70
CA ASN H 115 3.40 36.42 8.96
C ASN H 115 3.21 36.36 10.47
N ASN H 116 2.45 37.30 11.00
CA ASN H 116 2.24 37.40 12.44
C ASN H 116 1.67 36.10 12.99
N ILE H 117 2.32 35.57 14.03
CA ILE H 117 1.81 34.45 14.81
C ILE H 117 1.87 34.85 16.28
N ARG H 118 0.71 34.96 16.92
CA ARG H 118 0.63 35.27 18.34
C ARG H 118 0.24 34.02 19.11
N VAL H 119 1.07 33.64 20.08
CA VAL H 119 0.73 32.55 20.99
C VAL H 119 -0.11 33.11 22.12
N VAL H 120 -1.14 32.37 22.53
CA VAL H 120 -2.00 32.78 23.64
C VAL H 120 -2.02 31.77 24.76
N TYR H 121 -1.53 30.55 24.55
CA TYR H 121 -1.39 29.59 25.64
C TYR H 121 -0.37 28.55 25.26
N LEU H 122 0.46 28.16 26.21
CA LEU H 122 1.51 27.17 26.01
C LEU H 122 1.43 26.12 27.12
N SER H 123 1.63 24.87 26.74
CA SER H 123 1.55 23.75 27.68
C SER H 123 2.55 22.69 27.24
N GLU H 124 2.59 21.60 28.01
CA GLU H 124 3.43 20.47 27.62
C GLU H 124 2.89 19.78 26.38
N GLU H 125 1.56 19.70 26.26
CA GLU H 125 0.94 18.88 25.22
C GLU H 125 0.46 19.67 24.01
N TYR H 126 0.23 20.97 24.15
CA TYR H 126 -0.32 21.72 23.02
C TYR H 126 -0.08 23.21 23.21
N VAL H 127 -0.16 23.92 22.09
CA VAL H 127 -0.05 25.38 22.04
C VAL H 127 -1.29 25.91 21.33
N VAL H 128 -1.81 27.05 21.81
CA VAL H 128 -2.96 27.72 21.20
C VAL H 128 -2.46 29.03 20.64
N VAL H 129 -2.72 29.26 19.35
CA VAL H 129 -2.13 30.37 18.63
C VAL H 129 -3.20 31.14 17.86
N GLU H 130 -2.85 32.39 17.52
CA GLU H 130 -3.59 33.19 16.55
C GLU H 130 -2.71 33.36 15.32
N PHE H 131 -3.21 32.90 14.17
CA PHE H 131 -2.39 32.96 12.95
C PHE H 131 -3.20 33.49 11.78
N PHE H 132 -2.61 33.43 10.58
CA PHE H 132 -3.01 34.28 9.47
C PHE H 132 -3.94 33.60 8.46
N PHE H 133 -4.28 32.32 8.66
CA PHE H 133 -5.23 31.68 7.75
C PHE H 133 -6.55 32.43 7.76
N TYR H 134 -7.04 32.79 6.57
CA TYR H 134 -8.26 33.59 6.41
C TYR H 134 -8.13 34.96 7.05
N ASP H 135 -6.92 35.52 7.06
CA ASP H 135 -6.64 36.81 7.67
C ASP H 135 -7.01 36.83 9.16
N GLY H 136 -7.00 35.67 9.80
CA GLY H 136 -7.32 35.58 11.21
C GLY H 136 -8.00 34.29 11.59
N GLN H 137 -7.32 33.47 12.40
CA GLN H 137 -7.87 32.19 12.85
C GLN H 137 -7.19 31.80 14.15
N ILE H 138 -7.95 31.15 15.03
CA ILE H 138 -7.43 30.64 16.29
C ILE H 138 -7.54 29.12 16.27
N ILE H 139 -6.47 28.43 16.69
CA ILE H 139 -6.40 26.97 16.60
C ILE H 139 -5.49 26.46 17.71
N THR H 140 -5.67 25.20 18.06
CA THR H 140 -4.79 24.48 18.96
C THR H 140 -3.92 23.50 18.18
N LEU H 141 -2.61 23.54 18.47
CA LEU H 141 -1.65 22.63 17.86
C LEU H 141 -1.07 21.72 18.93
N HIS H 142 -1.03 20.43 18.64
CA HIS H 142 -0.58 19.43 19.60
C HIS H 142 0.90 19.15 19.37
N ARG H 143 1.65 19.10 20.46
CA ARG H 143 3.09 18.94 20.42
C ARG H 143 3.47 17.47 20.44
N TYR H 144 4.56 17.15 19.76
CA TYR H 144 5.11 15.80 19.78
C TYR H 144 6.63 15.84 19.94
C1 EDO I . 26.36 -12.98 -8.93
O1 EDO I . 26.29 -11.70 -9.60
C2 EDO I . 25.27 -12.98 -7.88
O2 EDO I . 24.53 -11.74 -7.94
H21 EDO I . 25.71 -13.10 -6.89
H22 EDO I . 24.60 -13.82 -8.05
HO2 EDO I . 23.83 -11.75 -7.27
C1 JN3 J . 9.04 -25.20 -11.99
C2 JN3 J . 10.42 -25.13 -11.43
C3 JN3 J . 11.22 -23.93 -11.90
O3 JN3 J . 12.54 -23.99 -11.44
C4 JN3 J . 11.15 -23.90 -13.44
C5 JN3 J . 9.74 -24.09 -14.05
C6 JN3 J . 9.89 -24.07 -15.51
C7 JN3 J . 10.26 -25.38 -16.17
O7 JN3 J . 11.62 -25.47 -16.20
C8 JN3 J . 9.49 -26.55 -15.64
C9 JN3 J . 9.48 -26.54 -14.08
C10 JN3 J . 8.91 -25.21 -13.49
C11 JN3 J . 8.80 -27.83 -13.59
C12 JN3 J . 9.28 -29.12 -14.19
C13 JN3 J . 9.20 -29.14 -15.72
C14 JN3 J . 10.05 -27.85 -16.17
C15 JN3 J . 10.19 -28.01 -17.64
C16 JN3 J . 10.29 -29.54 -17.84
C17 JN3 J . 10.00 -30.21 -16.52
C18 JN3 J . 7.79 -29.09 -16.17
C19 JN3 J . 7.45 -24.95 -13.77
C20 JN3 J . 9.41 -31.62 -16.64
C21 JN3 J . 9.07 -32.23 -15.36
C22 JN3 J . 10.35 -32.54 -17.40
C23 JN3 J . 11.68 -32.69 -16.77
O25 JN3 J . 13.24 -33.95 -18.08
C24 JN3 J . 12.44 -33.98 -17.13
O26 JN3 J . 12.17 -35.00 -16.39
H11 JN3 J . 8.55 -26.09 -11.56
H12 JN3 J . 8.45 -24.37 -11.56
H21 JN3 J . 11.00 -26.04 -11.68
H22 JN3 J . 10.40 -25.10 -10.32
H3 JN3 J . 10.63 -23.04 -11.50
HO3 JN3 J . 12.52 -23.59 -10.57
H41 JN3 J . 11.60 -22.94 -13.77
H42 JN3 J . 11.85 -24.68 -13.81
H5 JN3 J . 9.10 -23.18 -13.78
H61 JN3 J . 10.63 -23.30 -15.78
H62 JN3 J . 8.95 -23.69 -15.95
H7 JN3 J . 9.90 -25.29 -17.25
HO7 JN3 J . 11.98 -24.99 -16.97
H8 JN3 J . 8.44 -26.45 -16.04
H9 JN3 J . 10.57 -26.55 -13.78
H111 JN3 J . 7.69 -27.77 -13.75
H112 JN3 J . 8.89 -27.91 -12.47
H121 JN3 J . 8.72 -29.97 -13.77
H122 JN3 J . 10.32 -29.32 -13.87
H14 JN3 J . 11.09 -27.99 -15.74
H151 JN3 J . 11.08 -27.46 -18.02
H152 JN3 J . 9.35 -27.55 -18.18
H161 JN3 J . 9.59 -29.88 -18.63
H162 JN3 J . 11.28 -29.84 -18.24
H17 JN3 J . 11.00 -30.35 -16.04
H181 JN3 J . 7.21 -29.98 -15.87
H182 JN3 J . 7.23 -28.23 -15.76
H183 JN3 J . 7.67 -29.03 -17.26
H191 JN3 J . 7.07 -24.03 -13.33
H192 JN3 J . 7.21 -24.88 -14.83
H193 JN3 J . 6.79 -25.73 -13.39
H20 JN3 J . 8.45 -31.58 -17.24
H211 JN3 J . 8.08 -31.90 -15.01
H212 JN3 J . 9.04 -33.32 -15.41
H213 JN3 J . 9.79 -31.96 -14.58
H221 JN3 J . 9.87 -33.56 -17.51
H222 JN3 J . 10.46 -32.19 -18.45
H231 JN3 J . 11.59 -32.63 -15.66
H232 JN3 J . 12.33 -31.82 -17.03
C1 EDO K . -7.14 -11.09 -2.91
O1 EDO K . -8.42 -11.54 -2.46
C2 EDO K . -6.33 -10.70 -1.67
O2 EDO K . -6.93 -9.54 -1.08
H21 EDO K . -5.30 -10.48 -1.95
H22 EDO K . -6.32 -11.51 -0.95
HO2 EDO K . -6.41 -9.27 -0.31
O1 PG4 L . 3.32 -21.91 -9.87
C1 PG4 L . 4.35 -20.98 -9.67
C2 PG4 L . 3.82 -19.59 -9.49
O2 PG4 L . 4.91 -18.66 -9.60
C3 PG4 L . 4.52 -17.37 -10.08
C4 PG4 L . 4.75 -16.33 -9.02
O3 PG4 L . 3.50 -15.90 -8.50
C5 PG4 L . 3.62 -14.52 -8.22
C6 PG4 L . 2.40 -14.04 -7.52
O4 PG4 L . 2.47 -12.63 -7.36
C7 PG4 L . 1.96 -12.28 -6.08
C8 PG4 L . 2.37 -10.86 -5.79
O5 PG4 L . 1.28 -10.11 -5.27
CA CA M . 1.12 -34.06 -7.50
C1 EDO N . -5.92 -23.16 -1.80
O1 EDO N . -5.70 -24.57 -1.73
C2 EDO N . -5.75 -22.72 -3.25
O2 EDO N . -6.92 -22.94 -4.05
H21 EDO N . -4.91 -23.27 -3.70
H22 EDO N . -5.50 -21.66 -3.28
HO2 EDO N . -6.77 -22.61 -4.94
C1 EDO O . -16.67 -15.51 0.09
O1 EDO O . -16.31 -16.57 -0.81
C2 EDO O . -15.62 -14.40 -0.03
O2 EDO O . -15.52 -14.01 -1.41
H21 EDO O . -14.66 -14.75 0.34
H22 EDO O . -15.93 -13.54 0.59
HO2 EDO O . -14.87 -13.30 -1.50
C1 EDO P . -15.85 -14.12 -20.28
O1 EDO P . -14.73 -13.86 -19.42
C2 EDO P . -15.88 -15.59 -20.66
O2 EDO P . -17.00 -15.87 -21.52
H21 EDO P . -15.95 -16.19 -19.75
H22 EDO P . -14.95 -15.84 -21.17
HO2 EDO P . -16.97 -16.82 -21.78
C1 JN3 Q . -32.06 -7.59 -10.64
C2 JN3 Q . -31.31 -7.48 -11.91
C3 JN3 Q . -30.31 -8.60 -12.08
O3 JN3 Q . -29.64 -8.43 -13.25
C4 JN3 Q . -29.41 -8.58 -10.83
C5 JN3 Q . -30.14 -8.64 -9.52
C6 JN3 Q . -29.25 -8.61 -8.37
C7 JN3 Q . -28.58 -7.25 -8.04
O7 JN3 Q . -27.63 -6.89 -8.92
C8 JN3 Q . -29.77 -6.24 -7.74
C9 JN3 Q . -30.69 -6.24 -8.94
C10 JN3 Q . -31.29 -7.63 -9.34
C11 JN3 Q . -31.72 -5.10 -8.83
C12 JN3 Q . -31.23 -3.80 -8.40
C13 JN3 Q . -30.31 -3.77 -7.21
C14 JN3 Q . -29.23 -4.89 -7.52
C15 JN3 Q . -28.24 -4.67 -6.42
C16 JN3 Q . -28.27 -3.18 -6.10
C17 JN3 Q . -29.34 -2.55 -7.00
C18 JN3 Q . -31.01 -4.04 -5.89
C19 JN3 Q . -32.28 -8.11 -8.25
C20 JN3 Q . -29.81 -1.19 -6.50
C21 JN3 Q . -31.24 -0.94 -6.73
C22 JN3 Q . -29.11 -0.06 -7.25
C23 JN3 Q . -27.69 0.14 -6.92
O25 JN3 Q . -27.91 2.49 -7.47
C24 JN3 Q . -27.26 1.65 -6.79
O26 JN3 Q . -26.29 1.90 -6.00
H11 JN3 Q . -32.78 -6.75 -10.61
H12 JN3 Q . -32.71 -8.48 -10.72
H21 JN3 Q . -30.77 -6.51 -11.97
H22 JN3 Q . -32.00 -7.50 -12.78
H3 JN3 Q . -30.91 -9.57 -12.06
HO3 JN3 Q . -30.30 -8.51 -13.97
H41 JN3 Q . -28.69 -9.41 -10.93
H42 JN3 Q . -28.79 -7.65 -10.89
H5 JN3 Q . -30.58 -9.69 -9.54
H61 JN3 Q . -29.80 -8.96 -7.49
H62 JN3 Q . -28.46 -9.37 -8.50
H7 JN3 Q . -27.95 -7.40 -7.09
HO7 JN3 Q . -26.77 -6.99 -8.45
H8 JN3 Q . -30.26 -6.56 -6.79
H9 JN3 Q . -29.96 -5.98 -9.77
H111 JN3 Q . -32.25 -4.96 -9.82
H112 JN3 Q . -32.54 -5.40 -8.13
H121 JN3 Q . -32.09 -3.13 -8.20
H122 JN3 Q . -30.72 -3.31 -9.26
H14 JN3 Q . -28.76 -4.57 -8.50
H151 JN3 Q . -27.22 -5.02 -6.73
H152 JN3 Q . -28.48 -5.30 -5.54
H161 JN3 Q . -27.28 -2.70 -6.24
H162 JN3 Q . -28.49 -2.99 -5.02
H17 JN3 Q . -28.90 -2.29 -8.00
H181 JN3 Q . -30.76 -3.31 -5.10
H182 JN3 Q . -30.77 -5.03 -5.47
H183 JN3 Q . -32.11 -4.03 -5.98
H191 JN3 Q . -32.62 -9.13 -8.38
H192 JN3 Q . -33.19 -7.52 -8.19
H193 JN3 Q . -31.88 -8.09 -7.24
H20 JN3 Q . -29.58 -1.14 -5.39
H211 JN3 Q . -31.53 0.08 -6.43
H212 JN3 Q . -31.51 -1.06 -7.78
H213 JN3 Q . -31.86 -1.63 -6.15
H221 JN3 Q . -29.67 0.90 -7.07
H222 JN3 Q . -29.21 -0.24 -8.35
H231 JN3 Q . -27.45 -0.38 -5.97
H232 JN3 Q . -27.05 -0.35 -7.69
C1 EDO R . -46.43 -26.29 -8.66
O1 EDO R . -47.36 -25.87 -9.66
C2 EDO R . -46.76 -25.51 -7.38
O2 EDO R . -48.20 -25.52 -7.15
H21 EDO R . -46.41 -24.48 -7.48
H22 EDO R . -46.25 -25.97 -6.53
HO2 EDO R . -48.39 -25.01 -6.35
O1 PG4 S . -39.11 -24.77 -11.56
C1 PG4 S . -38.76 -23.39 -11.82
C2 PG4 S . -37.92 -22.84 -10.70
O2 PG4 S . -37.55 -21.51 -10.99
C3 PG4 S . -37.42 -20.72 -9.81
C4 PG4 S . -37.07 -19.32 -10.17
O3 PG4 S . -35.76 -19.27 -10.67
C5 PG4 S . -35.41 -17.90 -10.91
C6 PG4 S . -36.06 -17.05 -9.88
O4 PG4 S . -35.32 -15.86 -9.69
C7 PG4 S . -36.12 -15.01 -8.87
C8 PG4 S . -36.29 -13.67 -9.50
O5 PG4 S . -36.83 -12.77 -8.57
CA CA T . -42.57 -1.20 -7.62
C1 EDO U . -27.94 -21.77 0.94
O1 EDO U . -27.12 -20.98 0.05
C2 EDO U . -29.39 -21.27 0.87
O2 EDO U . -29.38 -19.84 0.91
H21 EDO U . -29.96 -21.68 1.71
H22 EDO U . -29.86 -21.62 -0.05
HO2 EDO U . -30.29 -19.51 0.85
C1 JN3 V . 26.26 0.98 21.89
C2 JN3 V . 24.85 0.51 21.85
C3 JN3 V . 24.05 1.18 20.77
O3 JN3 V . 22.75 0.76 20.89
C4 JN3 V . 24.21 2.67 20.89
C5 JN3 V . 25.62 3.19 21.07
C6 JN3 V . 25.68 4.65 21.28
C7 JN3 V . 25.25 5.15 22.68
O7 JN3 V . 23.94 5.15 22.91
C8 JN3 V . 26.20 4.44 23.73
C9 JN3 V . 26.06 2.92 23.51
C10 JN3 V . 26.49 2.46 22.09
C11 JN3 V . 26.65 2.18 24.67
C12 JN3 V . 26.22 2.66 26.02
C13 JN3 V . 26.65 4.10 26.26
C14 JN3 V . 25.88 4.86 25.11
C15 JN3 V . 26.07 6.29 25.47
C16 JN3 V . 26.09 6.31 26.97
C17 JN3 V . 26.08 4.86 27.47
C18 JN3 V . 28.16 4.30 26.20
C19 JN3 V . 27.95 2.76 21.81
C20 JN3 V . 26.64 4.76 28.90
C21 JN3 V . 27.49 3.58 29.13
C22 JN3 V . 25.48 4.69 29.92
C23 JN3 V . 25.75 5.44 31.18
O25 JN3 V . 24.59 4.38 33.02
C24 JN3 V . 24.63 5.37 32.23
O26 JN3 V . 23.81 6.34 32.22
H11 JN3 V . 26.78 0.40 22.67
H12 JN3 V . 26.76 0.64 20.96
H21 JN3 V . 24.34 0.69 22.82
H22 JN3 V . 24.81 -0.59 21.68
H3 JN3 V . 24.56 0.88 19.79
HO3 JN3 V . 22.75 -0.21 20.81
H41 JN3 V . 23.74 3.12 19.98
H42 JN3 V . 23.56 3.00 21.73
H5 JN3 V . 26.08 2.99 20.05
H61 JN3 V . 26.70 5.00 21.05
H62 JN3 V . 25.05 5.13 20.51
H7 JN3 V . 25.46 6.28 22.66
HO7 JN3 V . 23.60 6.05 22.67
H8 JN3 V . 27.26 4.80 23.57
H9 JN3 V . 24.93 2.76 23.54
H111 JN3 V . 27.78 2.21 24.61
H112 JN3 V . 26.41 1.08 24.58
H121 JN3 V . 25.12 2.57 26.14
H122 JN3 V . 26.62 2.02 26.83
H14 JN3 V . 24.80 4.60 25.31
H151 JN3 V . 25.26 6.92 25.04
H152 JN3 V . 27.00 6.70 25.01
H161 JN3 V . 25.24 6.89 27.39
H162 JN3 V . 26.98 6.86 27.37
H17 JN3 V . 25.02 4.47 27.58
H181 JN3 V . 28.49 5.24 26.64
H182 JN3 V . 28.71 3.51 26.74
H183 JN3 V . 28.57 4.29 25.17
H191 JN3 V . 28.37 2.18 20.99
H192 JN3 V . 28.61 2.57 22.65
H193 JN3 V . 28.14 3.80 21.55
H20 JN3 V . 27.28 5.66 29.11
H211 JN3 V . 27.60 3.37 30.19
H212 JN3 V . 27.08 2.69 28.67
H213 JN3 V . 28.49 3.73 28.73
H221 JN3 V . 25.26 3.63 30.16
H222 JN3 V . 24.54 5.08 29.46
H231 JN3 V . 25.96 6.50 30.96
H232 JN3 V . 26.69 5.06 31.65
O1 PG4 W . 31.49 -0.78 16.37
C1 PG4 W . 30.63 -0.78 15.24
C2 PG4 W . 31.16 0.13 14.17
O2 PG4 W . 30.17 0.30 13.16
C3 PG4 W . 29.58 -0.93 12.73
C4 PG4 W . 30.02 -1.26 11.33
O3 PG4 W . 31.45 -1.23 11.26
C5 PG4 W . 31.78 -0.88 9.93
C6 PG4 W . 32.14 -2.10 9.17
O4 PG4 W . 31.40 -2.14 7.96
C7 PG4 W . 31.56 -3.44 7.39
C8 PG4 W . 32.60 -3.38 6.32
O5 PG4 W . 32.33 -4.38 5.37
CA CA X . 35.37 -5.29 29.45
C1 JN3 Y . -3.36 29.31 2.78
C2 JN3 Y . -4.17 30.55 2.91
C3 JN3 Y . -5.12 30.53 4.09
O3 JN3 Y . -5.88 31.66 4.03
C4 JN3 Y . -5.93 29.26 3.96
C5 JN3 Y . -5.14 28.00 3.74
C6 JN3 Y . -5.99 26.79 3.63
C7 JN3 Y . -6.81 26.66 2.33
O7 JN3 Y . -7.92 27.39 2.24
C8 JN3 Y . -5.77 26.68 1.16
C9 JN3 Y . -4.86 27.88 1.28
C10 JN3 Y . -4.11 28.01 2.65
C11 JN3 Y . -4.03 28.04 0.00
C12 JN3 Y . -4.76 27.84 -1.31
C13 JN3 Y . -5.57 26.57 -1.45
C14 JN3 Y . -6.48 26.66 -0.18
C15 JN3 Y . -7.50 25.62 -0.40
C16 JN3 Y . -7.80 25.69 -1.86
C17 JN3 Y . -6.68 26.50 -2.55
C18 JN3 Y . -4.68 25.34 -1.48
C19 JN3 Y . -3.10 26.89 2.87
C20 JN3 Y . -6.39 25.98 -3.95
C21 JN3 Y . -5.42 26.82 -4.69
C22 JN3 Y . -7.67 25.85 -4.81
C23 JN3 Y . -7.41 25.47 -6.25
O25 JN3 Y . -9.79 25.34 -6.62
C24 JN3 Y . -8.65 24.95 -7.02
O26 JN3 Y . -8.44 24.14 -7.97
H11 JN3 Y . -2.68 29.46 1.92
H12 JN3 Y . -2.67 29.28 3.64
H21 JN3 Y . -3.52 31.45 3.01
H22 JN3 Y . -4.77 30.74 1.99
H3 JN3 Y . -4.48 30.44 5.02
HO3 JN3 Y . -5.44 32.27 3.41
H41 JN3 Y . -6.54 29.17 4.88
H42 JN3 Y . -6.65 29.42 3.14
H5 JN3 Y . -4.56 27.90 4.72
H61 JN3 Y . -5.36 25.91 3.78
H62 JN3 Y . -6.67 26.78 4.51
H7 JN3 Y . -7.31 25.62 2.43
HO7 JN3 Y . -8.59 26.96 2.80
H8 JN3 Y . -5.19 25.72 1.23
H9 JN3 Y . -5.60 28.74 1.29
H111 JN3 Y . -3.56 29.06 -0.01
H112 JN3 Y . -3.16 27.33 0.03
H121 JN3 Y . -5.42 28.71 -1.50
H122 JN3 Y . -4.03 27.88 -2.14
H14 JN3 Y . -7.00 27.67 -0.31
H151 JN3 Y . -8.39 25.77 0.24
H152 JN3 Y . -7.13 24.61 -0.09
H161 JN3 Y . -7.91 24.69 -2.31
H162 JN3 Y . -8.80 26.16 -2.05
H17 JN3 Y . -7.02 27.55 -2.71
H181 JN3 Y . -4.01 25.32 -2.35
H182 JN3 Y . -4.03 25.27 -0.60
H183 JN3 Y . -5.24 24.40 -1.51
H191 JN3 Y . -2.62 26.92 3.85
H192 JN3 Y . -2.26 26.90 2.17
H193 JN3 Y . -3.51 25.89 2.80
H20 JN3 Y . -5.96 24.94 -3.87
H211 JN3 Y . -4.65 26.20 -5.18
H212 JN3 Y . -5.90 27.40 -5.48
H213 JN3 Y . -4.90 27.51 -4.03
H221 JN3 Y . -8.24 26.81 -4.78
H222 JN3 Y . -8.36 25.11 -4.34
H231 JN3 Y . -6.60 24.69 -6.30
H232 JN3 Y . -6.99 26.33 -6.81
O1 PG4 Z . 2.05 26.27 7.99
C1 PG4 Z . 2.26 27.47 8.70
C2 PG4 Z . 1.05 27.83 9.49
O2 PG4 Z . 1.06 27.16 10.74
C3 PG4 Z . 0.64 27.99 11.82
C4 PG4 Z . 0.99 27.34 13.12
O3 PG4 Z . 2.08 28.01 13.72
C5 PG4 Z . 3.04 27.03 14.03
C6 PG4 Z . 4.07 27.65 14.91
O4 PG4 Z . 3.67 27.57 16.26
C7 PG4 Z . 4.77 27.99 17.06
C8 PG4 Z . 4.53 27.63 18.49
O5 PG4 Z . 5.73 27.85 19.24
CA CA AA . 7.57 27.40 -5.26
C1 EDO BA . 11.27 29.55 18.15
O1 EDO BA . 11.86 28.25 18.01
C2 EDO BA . 12.26 30.60 17.65
O2 EDO BA . 13.54 30.34 18.24
H21 EDO BA . 11.92 31.60 17.92
H22 EDO BA . 12.33 30.56 16.56
HO2 EDO BA . 14.18 31.01 17.93
#